data_5TET
#
_entry.id   5TET
#
_cell.length_a   55.210
_cell.length_b   83.510
_cell.length_c   193.000
_cell.angle_alpha   90.00
_cell.angle_beta   90.00
_cell.angle_gamma   90.00
#
_symmetry.space_group_name_H-M   'P 21 21 21'
#
loop_
_entity.id
_entity.type
_entity.pdbx_description
1 polymer 'ATP-citrate synthase'
2 polymer 'ATP-citrate synthase'
3 non-polymer '3-C-carboxy-2-deoxy-D-erythro-pentaric acid'
4 non-polymer 'PHOSPHATE ION'
5 non-polymer GLYCEROL
6 water water
#
loop_
_entity_poly.entity_id
_entity_poly.type
_entity_poly.pdbx_seq_one_letter_code
_entity_poly.pdbx_strand_id
1 'polypeptide(L)'
;MSAKAISEQTGKELLYKFICTTSAIQNRFKYARVTPDTDWARLLQDHPWLLSQNLVVKPDQLIKRRGKLGLVGVNLTLDG
VKSWLKPRLGQEATVGKATGFLKNFLIEPFVPHSQAEEFYVCIYATREGDYVLFHHEGGVDVGDVDAKAQKLLVGVDEKL
NPEDIKKHLLVHAPEDKKEILASFISGLFNFYEDLYFTYLEINPLVVTKDGVYVLDLAAKVDATADYICKVKWGDIEFPP
PFGREAYPEEAYIADLDAKSGASLKLTLLNPKGRIWTMVAGGGASVVYSDTICDLGGVNELANYGEYSGAPSEQQTYDYA
KTILSLMTREKHPDGKILIIGGSIANFTNVAATFKGIVRAIRDYQGPLKEHEVTIFVRRGGPNYQEGLRVMGEVGKTTGI
PIHVFGTETHMTAIVGMALGHRPIPENLYFQ
;
A
2 'polypeptide(L)'
;SKSTTLFSRHTKAIVWGMQTRAVQGMLDFDYVCSRDEPSVAAMVYPFTGDHKQKFYWGHKEILIPVFKNMADAMRKHPEV
DVLINFASLRSAYDSTMETMNYAQIRTIAIIAEGIPEALTRKLIKKADQKGVTIIGPATVGGIKPGCFKIGNTGGMLDNI
LASKLYRPGSVAYVSRSGGMSNELNNIISRTTDGVYEGVAIGGDRYPGSTFMDHVLRYQDTPGVKMIVVLGEIGGTEEYK
ICRGIKEGRLTKPIVCWCIGTCATMFSSEVQFGHAGACANQASETAVAKNQALKEAGVFVPRSFDELGEIIQSVYEDLVA
NGVI
;
B
#
# COMPACT_ATOMS: atom_id res chain seq x y z
N SER A 2 -5.35 -3.90 0.28
CA SER A 2 -5.77 -2.80 -0.58
C SER A 2 -7.15 -3.02 -1.20
N ALA A 3 -7.67 -1.96 -1.81
CA ALA A 3 -8.97 -2.00 -2.47
C ALA A 3 -8.84 -2.68 -3.81
N LYS A 4 -9.73 -3.63 -4.10
CA LYS A 4 -9.67 -4.38 -5.34
C LYS A 4 -11.01 -4.36 -6.04
N ALA A 5 -11.00 -4.01 -7.33
CA ALA A 5 -12.20 -4.02 -8.12
C ALA A 5 -12.77 -5.43 -8.21
N ILE A 6 -14.10 -5.52 -8.29
CA ILE A 6 -14.81 -6.78 -8.55
C ILE A 6 -15.59 -6.60 -9.84
N SER A 7 -15.97 -7.73 -10.45
CA SER A 7 -16.75 -7.69 -11.68
C SER A 7 -18.16 -7.22 -11.40
N GLU A 8 -18.84 -6.75 -12.44
CA GLU A 8 -20.23 -6.38 -12.30
C GLU A 8 -21.05 -7.57 -11.80
N GLN A 9 -20.72 -8.77 -12.24
CA GLN A 9 -21.50 -9.93 -11.86
C GLN A 9 -21.36 -10.22 -10.37
N THR A 10 -20.13 -10.17 -9.85
CA THR A 10 -19.89 -10.37 -8.43
C THR A 10 -20.66 -9.33 -7.60
N GLY A 11 -20.54 -8.06 -7.99
CA GLY A 11 -21.25 -7.01 -7.26
C GLY A 11 -22.75 -7.20 -7.28
N LYS A 12 -23.32 -7.59 -8.42
CA LYS A 12 -24.76 -7.78 -8.51
C LYS A 12 -25.22 -8.99 -7.71
N GLU A 13 -24.44 -10.08 -7.73
CA GLU A 13 -24.77 -11.22 -6.90
C GLU A 13 -24.85 -10.81 -5.43
N LEU A 14 -23.83 -10.10 -4.95
CA LEU A 14 -23.85 -9.65 -3.56
C LEU A 14 -24.99 -8.68 -3.33
N LEU A 15 -25.18 -7.72 -4.23
CA LEU A 15 -26.26 -6.76 -4.05
C LEU A 15 -27.61 -7.46 -3.97
N TYR A 16 -27.88 -8.36 -4.92
CA TYR A 16 -29.19 -9.01 -4.93
C TYR A 16 -29.39 -9.90 -3.70
N LYS A 17 -28.32 -10.56 -3.24
CA LYS A 17 -28.41 -11.39 -2.03
C LYS A 17 -28.61 -10.54 -0.78
N PHE A 18 -27.81 -9.50 -0.59
CA PHE A 18 -27.71 -8.88 0.73
C PHE A 18 -28.37 -7.52 0.90
N ILE A 19 -28.90 -6.86 -0.17
CA ILE A 19 -29.41 -5.49 0.03
C ILE A 19 -30.76 -5.52 0.75
N CYS A 20 -30.97 -4.61 1.71
CA CYS A 20 -32.25 -4.52 2.42
C CYS A 20 -32.91 -3.19 2.09
N THR A 21 -34.00 -3.26 1.35
CA THR A 21 -34.72 -2.09 0.90
C THR A 21 -36.21 -2.39 0.84
N THR A 22 -37.02 -1.39 1.20
CA THR A 22 -38.46 -1.42 0.94
C THR A 22 -38.76 -1.46 -0.54
N SER A 23 -37.79 -1.10 -1.37
CA SER A 23 -37.97 -1.11 -2.81
C SER A 23 -38.11 -2.53 -3.32
N ALA A 24 -38.82 -2.66 -4.45
CA ALA A 24 -38.94 -3.91 -5.18
C ALA A 24 -37.92 -3.83 -6.31
N ILE A 25 -36.83 -4.55 -6.15
CA ILE A 25 -35.81 -4.62 -7.18
C ILE A 25 -36.19 -5.71 -8.19
N GLN A 26 -36.18 -5.35 -9.47
CA GLN A 26 -36.61 -6.24 -10.52
C GLN A 26 -35.41 -6.96 -11.13
N ASN A 27 -35.69 -8.05 -11.85
CA ASN A 27 -34.68 -8.82 -12.59
C ASN A 27 -33.56 -9.35 -11.70
N ARG A 28 -33.86 -9.63 -10.44
CA ARG A 28 -32.86 -10.17 -9.53
C ARG A 28 -32.26 -11.45 -10.09
N PHE A 29 -30.93 -11.49 -10.09
CA PHE A 29 -30.13 -12.61 -10.56
C PHE A 29 -30.37 -12.95 -12.05
N LYS A 30 -31.00 -12.05 -12.82
CA LYS A 30 -31.19 -12.27 -14.26
C LYS A 30 -30.00 -11.76 -15.07
N TYR A 31 -28.90 -12.51 -14.99
CA TYR A 31 -27.71 -12.20 -15.78
C TYR A 31 -27.10 -13.54 -16.19
N ALA A 32 -26.36 -13.54 -17.29
CA ALA A 32 -25.71 -14.74 -17.79
C ALA A 32 -24.33 -14.39 -18.28
N ARG A 33 -23.37 -15.20 -17.86
CA ARG A 33 -21.98 -14.98 -18.22
C ARG A 33 -21.61 -15.79 -19.45
N VAL A 34 -20.90 -15.14 -20.37
CA VAL A 34 -20.48 -15.78 -21.60
C VAL A 34 -18.98 -15.66 -21.72
N THR A 35 -18.34 -16.79 -21.99
CA THR A 35 -16.92 -16.85 -22.29
C THR A 35 -16.73 -17.55 -23.63
N PRO A 36 -15.52 -17.60 -24.17
CA PRO A 36 -15.27 -18.43 -25.36
C PRO A 36 -15.56 -19.91 -25.14
N ASP A 37 -15.59 -20.40 -23.90
CA ASP A 37 -15.89 -21.79 -23.59
C ASP A 37 -17.37 -22.05 -23.34
N THR A 38 -18.23 -21.07 -23.58
CA THR A 38 -19.64 -21.23 -23.21
C THR A 38 -20.31 -22.24 -24.12
N ASP A 39 -21.06 -23.14 -23.49
CA ASP A 39 -21.99 -24.04 -24.20
C ASP A 39 -23.36 -23.36 -24.28
N TRP A 40 -23.70 -22.83 -25.46
CA TRP A 40 -24.87 -21.97 -25.59
C TRP A 40 -26.19 -22.71 -25.31
N ALA A 41 -26.30 -23.98 -25.70
CA ALA A 41 -27.49 -24.74 -25.34
C ALA A 41 -27.61 -24.90 -23.84
N ARG A 42 -26.49 -25.16 -23.19
CA ARG A 42 -26.55 -25.29 -21.73
C ARG A 42 -26.79 -23.95 -21.06
N LEU A 43 -26.20 -22.87 -21.61
CA LEU A 43 -26.53 -21.53 -21.13
C LEU A 43 -28.02 -21.26 -21.20
N LEU A 44 -28.65 -21.66 -22.31
CA LEU A 44 -30.07 -21.38 -22.51
C LEU A 44 -30.91 -22.25 -21.58
N GLN A 45 -30.46 -23.46 -21.31
CA GLN A 45 -31.18 -24.27 -20.33
C GLN A 45 -31.20 -23.58 -18.97
N ASP A 46 -30.06 -23.05 -18.54
CA ASP A 46 -30.01 -22.40 -17.23
C ASP A 46 -30.75 -21.06 -17.23
N HIS A 47 -30.80 -20.35 -18.35
CA HIS A 47 -31.36 -19.01 -18.40
C HIS A 47 -32.43 -18.91 -19.48
N PRO A 48 -33.59 -19.52 -19.26
CA PRO A 48 -34.68 -19.42 -20.25
C PRO A 48 -35.15 -18.00 -20.51
N TRP A 49 -34.98 -17.09 -19.54
CA TRP A 49 -35.38 -15.71 -19.72
C TRP A 49 -34.62 -15.01 -20.84
N LEU A 50 -33.53 -15.62 -21.33
CA LEU A 50 -32.81 -15.06 -22.46
C LEU A 50 -33.68 -14.97 -23.71
N LEU A 51 -34.73 -15.79 -23.80
CA LEU A 51 -35.65 -15.73 -24.93
C LEU A 51 -36.87 -14.87 -24.66
N SER A 52 -37.07 -14.41 -23.43
CA SER A 52 -38.36 -13.87 -23.04
C SER A 52 -38.52 -12.39 -23.36
N GLN A 53 -37.44 -11.71 -23.75
CA GLN A 53 -37.49 -10.29 -24.10
C GLN A 53 -36.13 -9.95 -24.67
N ASN A 54 -36.00 -8.74 -25.21
CA ASN A 54 -34.72 -8.40 -25.80
C ASN A 54 -33.67 -8.21 -24.69
N LEU A 55 -32.43 -7.96 -25.10
CA LEU A 55 -31.29 -8.21 -24.23
C LEU A 55 -30.28 -7.09 -24.35
N VAL A 56 -29.42 -7.02 -23.32
CA VAL A 56 -28.23 -6.18 -23.33
C VAL A 56 -27.03 -7.10 -23.13
N VAL A 57 -25.97 -6.83 -23.88
CA VAL A 57 -24.73 -7.61 -23.76
C VAL A 57 -23.59 -6.63 -23.67
N LYS A 58 -22.61 -6.93 -22.83
CA LYS A 58 -21.47 -6.04 -22.58
C LYS A 58 -20.35 -6.84 -21.96
N PRO A 59 -19.12 -6.41 -22.08
CA PRO A 59 -18.05 -7.11 -21.38
C PRO A 59 -18.15 -6.85 -19.89
N ASP A 60 -17.61 -7.79 -19.11
CA ASP A 60 -17.56 -7.70 -17.64
C ASP A 60 -16.14 -8.05 -17.25
N GLN A 61 -15.23 -7.09 -17.45
CA GLN A 61 -13.80 -7.39 -17.38
C GLN A 61 -13.02 -6.22 -16.78
N LEU A 62 -13.66 -5.44 -15.91
CA LEU A 62 -13.05 -4.25 -15.32
C LEU A 62 -12.70 -3.21 -16.38
N ILE A 63 -13.55 -3.10 -17.41
CA ILE A 63 -13.49 -2.03 -18.41
C ILE A 63 -14.50 -0.96 -18.03
N LYS A 64 -14.03 0.28 -17.91
CA LYS A 64 -14.94 1.37 -17.58
C LYS A 64 -15.38 2.10 -18.85
N ARG A 65 -16.53 2.79 -18.75
CA ARG A 65 -17.10 3.58 -19.86
C ARG A 65 -17.47 2.68 -21.04
N ARG A 66 -18.01 1.51 -20.74
CA ARG A 66 -18.31 0.53 -21.77
C ARG A 66 -19.28 1.10 -22.81
N GLY A 67 -20.26 1.88 -22.36
CA GLY A 67 -21.18 2.51 -23.30
C GLY A 67 -20.49 3.43 -24.29
N LYS A 68 -19.70 4.38 -23.78
CA LYS A 68 -18.98 5.30 -24.66
C LYS A 68 -17.90 4.62 -25.50
N LEU A 69 -17.52 3.38 -25.20
CA LEU A 69 -16.63 2.63 -26.07
C LEU A 69 -17.38 1.84 -27.15
N GLY A 70 -18.70 2.00 -27.24
CA GLY A 70 -19.44 1.15 -28.16
C GLY A 70 -19.42 -0.31 -27.77
N LEU A 71 -19.12 -0.61 -26.51
CA LEU A 71 -19.04 -1.98 -26.06
C LEU A 71 -20.32 -2.49 -25.40
N VAL A 72 -21.43 -1.78 -25.56
CA VAL A 72 -22.70 -2.24 -25.05
C VAL A 72 -23.62 -2.42 -26.24
N GLY A 73 -24.09 -3.66 -26.44
CA GLY A 73 -25.14 -3.96 -27.40
C GLY A 73 -26.49 -3.91 -26.74
N VAL A 74 -27.37 -3.03 -27.20
CA VAL A 74 -28.60 -2.69 -26.50
C VAL A 74 -29.81 -3.17 -27.29
N ASN A 75 -30.77 -3.78 -26.62
CA ASN A 75 -32.07 -4.09 -27.20
C ASN A 75 -31.93 -5.04 -28.40
N LEU A 76 -31.33 -6.19 -28.11
CA LEU A 76 -31.01 -7.20 -29.11
C LEU A 76 -31.77 -8.48 -28.80
N THR A 77 -32.19 -9.18 -29.84
CA THR A 77 -32.61 -10.55 -29.61
C THR A 77 -31.40 -11.39 -29.25
N LEU A 78 -31.67 -12.63 -28.83
CA LEU A 78 -30.57 -13.55 -28.62
C LEU A 78 -29.74 -13.73 -29.88
N ASP A 79 -30.38 -13.94 -31.04
CA ASP A 79 -29.63 -13.99 -32.29
C ASP A 79 -28.82 -12.72 -32.50
N GLY A 80 -29.40 -11.58 -32.16
CA GLY A 80 -28.67 -10.32 -32.22
C GLY A 80 -27.45 -10.31 -31.32
N VAL A 81 -27.59 -10.85 -30.12
CA VAL A 81 -26.43 -10.91 -29.22
C VAL A 81 -25.33 -11.82 -29.78
N LYS A 82 -25.68 -13.02 -30.22
CA LYS A 82 -24.69 -13.92 -30.84
C LYS A 82 -23.96 -13.25 -32.00
N SER A 83 -24.70 -12.50 -32.83
CA SER A 83 -24.10 -11.77 -33.94
C SER A 83 -23.22 -10.65 -33.42
N TRP A 84 -23.66 -9.99 -32.35
CA TRP A 84 -22.86 -8.92 -31.77
C TRP A 84 -21.57 -9.48 -31.16
N LEU A 85 -21.63 -10.68 -30.57
CA LEU A 85 -20.47 -11.33 -29.98
C LEU A 85 -19.47 -11.91 -30.96
N LYS A 86 -19.90 -12.27 -32.18
CA LYS A 86 -19.02 -13.00 -33.09
C LYS A 86 -17.70 -12.27 -33.38
N PRO A 87 -17.69 -10.99 -33.75
CA PRO A 87 -16.42 -10.27 -33.91
C PRO A 87 -15.82 -9.73 -32.63
N ARG A 88 -16.45 -9.90 -31.47
CA ARG A 88 -15.92 -9.37 -30.21
C ARG A 88 -15.37 -10.47 -29.29
N LEU A 89 -16.10 -11.57 -29.14
CA LEU A 89 -15.66 -12.63 -28.25
C LEU A 89 -14.33 -13.22 -28.73
N GLY A 90 -13.30 -13.10 -27.87
CA GLY A 90 -11.95 -13.52 -28.21
C GLY A 90 -11.06 -12.50 -28.87
N GLN A 91 -11.58 -11.31 -29.23
CA GLN A 91 -10.74 -10.33 -29.93
C GLN A 91 -9.84 -9.55 -28.96
N GLU A 92 -8.67 -9.16 -29.48
CA GLU A 92 -7.89 -8.11 -28.84
C GLU A 92 -8.70 -6.83 -28.75
N ALA A 93 -8.55 -6.12 -27.64
CA ALA A 93 -9.04 -4.78 -27.52
C ALA A 93 -8.05 -3.95 -26.73
N THR A 94 -7.81 -2.76 -27.21
CA THR A 94 -7.09 -1.78 -26.42
C THR A 94 -8.10 -0.79 -25.87
N VAL A 95 -8.05 -0.58 -24.56
CA VAL A 95 -8.87 0.39 -23.85
C VAL A 95 -7.92 1.35 -23.16
N GLY A 96 -8.04 2.64 -23.45
CA GLY A 96 -7.01 3.56 -23.03
C GLY A 96 -5.66 3.13 -23.58
N LYS A 97 -4.75 2.72 -22.70
CA LYS A 97 -3.45 2.24 -23.14
C LYS A 97 -3.22 0.77 -22.78
N ALA A 98 -4.22 0.09 -22.24
CA ALA A 98 -4.11 -1.32 -21.89
C ALA A 98 -4.68 -2.19 -22.98
N THR A 99 -4.03 -3.32 -23.21
CA THR A 99 -4.41 -4.24 -24.27
C THR A 99 -4.61 -5.62 -23.69
N GLY A 100 -5.78 -6.19 -23.93
CA GLY A 100 -6.13 -7.52 -23.45
C GLY A 100 -7.13 -8.16 -24.38
N PHE A 101 -7.64 -9.34 -24.05
CA PHE A 101 -8.61 -10.03 -24.88
C PHE A 101 -9.98 -9.94 -24.25
N LEU A 102 -11.00 -9.63 -25.06
CA LEU A 102 -12.38 -9.66 -24.59
C LEU A 102 -12.85 -11.10 -24.45
N LYS A 103 -12.98 -11.56 -23.21
CA LYS A 103 -13.21 -12.98 -22.93
C LYS A 103 -14.35 -13.22 -21.97
N ASN A 104 -14.90 -12.18 -21.33
CA ASN A 104 -15.95 -12.39 -20.36
C ASN A 104 -17.02 -11.34 -20.56
N PHE A 105 -18.23 -11.79 -20.82
CA PHE A 105 -19.32 -10.94 -21.22
C PHE A 105 -20.53 -11.27 -20.35
N LEU A 106 -21.38 -10.27 -20.19
CA LEU A 106 -22.58 -10.41 -19.40
C LEU A 106 -23.79 -10.07 -20.26
N ILE A 107 -24.80 -10.92 -20.21
CA ILE A 107 -26.06 -10.68 -20.90
C ILE A 107 -27.12 -10.47 -19.85
N GLU A 108 -27.98 -9.47 -20.07
CA GLU A 108 -29.07 -9.13 -19.18
C GLU A 108 -30.26 -8.67 -20.01
N PRO A 109 -31.46 -8.72 -19.44
CA PRO A 109 -32.65 -8.21 -20.13
C PRO A 109 -32.55 -6.73 -20.43
N PHE A 110 -33.03 -6.36 -21.62
CA PHE A 110 -33.26 -4.96 -21.92
C PHE A 110 -34.49 -4.50 -21.13
N VAL A 111 -34.38 -3.32 -20.52
CA VAL A 111 -35.48 -2.67 -19.81
C VAL A 111 -35.85 -1.41 -20.60
N PRO A 112 -37.00 -1.36 -21.26
CA PRO A 112 -37.37 -0.13 -21.96
C PRO A 112 -37.77 0.91 -20.95
N HIS A 113 -37.30 2.13 -21.17
CA HIS A 113 -37.49 3.21 -20.22
C HIS A 113 -37.16 4.52 -20.93
N SER A 114 -37.67 5.60 -20.38
CA SER A 114 -37.34 6.93 -20.87
C SER A 114 -36.07 7.45 -20.22
N GLN A 115 -35.50 8.48 -20.83
CA GLN A 115 -34.31 9.09 -20.26
C GLN A 115 -34.60 9.65 -18.88
N ALA A 116 -35.83 10.09 -18.63
CA ALA A 116 -36.21 10.62 -17.34
C ALA A 116 -36.47 9.55 -16.28
N GLU A 117 -36.30 8.28 -16.63
CA GLU A 117 -36.33 7.18 -15.68
C GLU A 117 -34.93 6.69 -15.33
N GLU A 118 -33.90 7.35 -15.85
CA GLU A 118 -32.51 7.01 -15.64
C GLU A 118 -31.88 7.91 -14.58
N PHE A 119 -31.16 7.30 -13.66
CA PHE A 119 -30.53 7.99 -12.55
C PHE A 119 -29.12 7.48 -12.37
N TYR A 120 -28.25 8.33 -11.84
CA TYR A 120 -26.87 7.98 -11.54
C TYR A 120 -26.66 7.98 -10.03
N VAL A 121 -26.06 6.92 -9.52
CA VAL A 121 -25.70 6.85 -8.10
C VAL A 121 -24.27 6.33 -7.97
N CYS A 122 -23.50 6.99 -7.11
CA CYS A 122 -22.14 6.57 -6.79
C CYS A 122 -21.83 6.85 -5.32
N ILE A 123 -21.13 5.92 -4.68
CA ILE A 123 -20.60 6.07 -3.33
C ILE A 123 -19.11 5.82 -3.40
N TYR A 124 -18.32 6.71 -2.80
CA TYR A 124 -16.89 6.42 -2.74
C TYR A 124 -16.26 6.92 -1.46
N ALA A 125 -15.27 6.16 -1.02
CA ALA A 125 -14.59 6.40 0.23
C ALA A 125 -13.48 7.44 0.10
N THR A 126 -13.43 8.34 1.08
CA THR A 126 -12.30 9.23 1.33
C THR A 126 -11.93 9.10 2.80
N ARG A 127 -10.89 9.83 3.14
CA ARG A 127 -10.44 9.95 4.51
C ARG A 127 -11.56 10.41 5.45
N GLU A 128 -12.30 11.43 5.03
CA GLU A 128 -13.29 12.05 5.89
C GLU A 128 -14.66 11.38 5.85
N GLY A 129 -14.81 10.29 5.08
CA GLY A 129 -16.04 9.52 5.01
C GLY A 129 -16.41 9.20 3.58
N ASP A 130 -17.66 8.79 3.40
CA ASP A 130 -18.12 8.34 2.10
C ASP A 130 -19.01 9.39 1.44
N TYR A 131 -18.60 9.81 0.24
CA TYR A 131 -19.44 10.70 -0.56
C TYR A 131 -20.45 9.90 -1.36
N VAL A 132 -21.68 10.36 -1.33
CA VAL A 132 -22.79 9.81 -2.10
C VAL A 132 -23.19 10.83 -3.17
N LEU A 133 -23.09 10.41 -4.43
CA LEU A 133 -23.45 11.21 -5.60
C LEU A 133 -24.74 10.72 -6.22
N PHE A 134 -25.60 11.67 -6.59
CA PHE A 134 -26.85 11.39 -7.28
C PHE A 134 -26.99 12.37 -8.43
N HIS A 135 -27.44 11.87 -9.58
CA HIS A 135 -27.68 12.74 -10.72
C HIS A 135 -28.89 12.24 -11.49
N HIS A 136 -29.69 13.18 -12.01
CA HIS A 136 -30.79 12.84 -12.91
C HIS A 136 -30.68 13.52 -14.28
N ALA A 149 -25.94 17.76 -10.57
CA ALA A 149 -25.62 16.61 -9.71
C ALA A 149 -25.54 17.00 -8.22
N GLN A 150 -25.96 16.09 -7.33
CA GLN A 150 -25.94 16.33 -5.90
C GLN A 150 -24.94 15.40 -5.25
N LYS A 151 -24.22 15.90 -4.26
CA LYS A 151 -23.24 15.09 -3.58
C LYS A 151 -23.26 15.39 -2.10
N LEU A 152 -23.18 14.36 -1.26
CA LEU A 152 -23.20 14.48 0.19
C LEU A 152 -22.10 13.64 0.84
N LEU A 153 -21.31 14.26 1.71
CA LEU A 153 -20.36 13.56 2.55
C LEU A 153 -21.12 12.90 3.70
N VAL A 154 -20.99 11.59 3.83
CA VAL A 154 -21.52 10.87 4.98
C VAL A 154 -20.33 10.59 5.88
N GLY A 155 -20.34 11.21 7.06
CA GLY A 155 -19.23 11.06 7.96
C GLY A 155 -19.12 9.64 8.49
N VAL A 156 -17.93 9.35 8.98
CA VAL A 156 -17.57 8.00 9.43
C VAL A 156 -18.61 7.38 10.35
N ASP A 157 -19.23 8.16 11.25
CA ASP A 157 -20.20 7.57 12.18
C ASP A 157 -21.64 7.92 11.86
N GLU A 158 -21.92 8.46 10.69
CA GLU A 158 -23.29 8.88 10.40
C GLU A 158 -24.04 7.74 9.72
N LYS A 159 -25.32 7.68 9.99
CA LYS A 159 -26.19 6.84 9.18
C LYS A 159 -26.67 7.65 7.98
N LEU A 160 -27.22 6.95 6.99
CA LEU A 160 -27.79 7.57 5.80
C LEU A 160 -29.22 7.05 5.67
N ASN A 161 -30.15 7.76 6.25
CA ASN A 161 -31.55 7.36 6.23
C ASN A 161 -32.26 7.87 4.98
N PRO A 162 -33.36 7.23 4.60
CA PRO A 162 -34.12 7.74 3.44
C PRO A 162 -34.41 9.21 3.52
N GLU A 163 -34.73 9.73 4.71
CA GLU A 163 -35.09 11.15 4.80
C GLU A 163 -33.87 12.06 4.58
N ASP A 164 -32.67 11.61 4.99
CA ASP A 164 -31.43 12.33 4.65
C ASP A 164 -31.20 12.37 3.15
N ILE A 165 -31.49 11.26 2.47
CA ILE A 165 -31.31 11.22 1.02
C ILE A 165 -32.28 12.19 0.37
N LYS A 166 -33.57 12.13 0.74
CA LYS A 166 -34.53 13.06 0.15
C LYS A 166 -34.10 14.50 0.36
N LYS A 167 -33.69 14.83 1.59
CA LYS A 167 -33.31 16.19 1.94
C LYS A 167 -32.09 16.67 1.15
N HIS A 168 -30.99 15.91 1.17
CA HIS A 168 -29.71 16.37 0.63
C HIS A 168 -29.48 16.00 -0.83
N LEU A 169 -30.08 14.93 -1.34
CA LEU A 169 -29.72 14.49 -2.69
C LEU A 169 -30.84 14.57 -3.71
N LEU A 170 -32.12 14.44 -3.31
CA LEU A 170 -33.22 14.22 -4.24
C LEU A 170 -34.03 15.48 -4.54
N VAL A 171 -33.42 16.64 -4.30
CA VAL A 171 -34.07 17.93 -4.52
C VAL A 171 -34.71 17.99 -5.92
N HIS A 172 -33.98 17.54 -6.95
CA HIS A 172 -34.42 17.64 -8.34
C HIS A 172 -35.02 16.35 -8.87
N ALA A 173 -35.27 15.39 -8.05
CA ALA A 173 -35.74 14.15 -8.62
C ALA A 173 -37.24 14.23 -8.86
N PRO A 174 -37.77 13.49 -9.84
CA PRO A 174 -39.23 13.48 -10.05
C PRO A 174 -39.93 13.13 -8.76
N GLU A 175 -40.93 13.95 -8.40
CA GLU A 175 -41.58 13.79 -7.10
C GLU A 175 -42.06 12.35 -6.89
N ASP A 176 -42.55 11.70 -7.95
CA ASP A 176 -43.17 10.38 -7.76
C ASP A 176 -42.14 9.27 -7.65
N LYS A 177 -40.85 9.61 -7.68
CA LYS A 177 -39.80 8.63 -7.52
C LYS A 177 -38.96 8.87 -6.27
N LYS A 178 -39.23 9.94 -5.49
CA LYS A 178 -38.40 10.23 -4.32
C LYS A 178 -38.43 9.09 -3.31
N GLU A 179 -39.60 8.51 -3.03
CA GLU A 179 -39.69 7.50 -1.97
C GLU A 179 -38.90 6.25 -2.35
N ILE A 180 -39.05 5.77 -3.57
CA ILE A 180 -38.37 4.55 -3.95
C ILE A 180 -36.87 4.79 -4.11
N LEU A 181 -36.47 5.92 -4.69
CA LEU A 181 -35.04 6.26 -4.76
C LEU A 181 -34.43 6.32 -3.36
N ALA A 182 -35.13 6.94 -2.42
CA ALA A 182 -34.53 7.16 -1.12
C ALA A 182 -34.38 5.85 -0.39
N SER A 183 -35.38 4.98 -0.53
CA SER A 183 -35.31 3.66 0.06
C SER A 183 -34.18 2.86 -0.56
N PHE A 184 -34.05 2.91 -1.89
CA PHE A 184 -33.00 2.12 -2.56
C PHE A 184 -31.62 2.63 -2.15
N ILE A 185 -31.42 3.94 -2.17
CA ILE A 185 -30.09 4.48 -1.88
C ILE A 185 -29.71 4.26 -0.43
N SER A 186 -30.68 4.32 0.48
CA SER A 186 -30.40 4.01 1.88
C SER A 186 -29.95 2.57 2.02
N GLY A 187 -30.71 1.63 1.44
CA GLY A 187 -30.28 0.24 1.47
C GLY A 187 -28.95 0.03 0.79
N LEU A 188 -28.73 0.70 -0.34
CA LEU A 188 -27.46 0.57 -1.05
C LEU A 188 -26.28 1.01 -0.17
N PHE A 189 -26.45 2.10 0.57
CA PHE A 189 -25.36 2.58 1.41
C PHE A 189 -25.09 1.63 2.56
N ASN A 190 -26.13 1.06 3.15
CA ASN A 190 -25.93 0.09 4.22
C ASN A 190 -25.21 -1.15 3.70
N PHE A 191 -25.53 -1.56 2.47
CA PHE A 191 -24.86 -2.69 1.85
C PHE A 191 -23.40 -2.34 1.58
N TYR A 192 -23.14 -1.10 1.13
CA TYR A 192 -21.77 -0.64 0.90
C TYR A 192 -20.91 -0.77 2.17
N GLU A 193 -21.47 -0.38 3.30
CA GLU A 193 -20.75 -0.42 4.58
C GLU A 193 -20.61 -1.85 5.09
N ASP A 194 -21.71 -2.61 5.10
CA ASP A 194 -21.64 -3.94 5.69
C ASP A 194 -20.68 -4.85 4.97
N LEU A 195 -20.52 -4.68 3.64
CA LEU A 195 -19.61 -5.56 2.90
C LEU A 195 -18.27 -4.88 2.56
N TYR A 196 -17.96 -3.74 3.17
CA TYR A 196 -16.62 -3.15 3.07
C TYR A 196 -16.25 -2.78 1.63
N PHE A 197 -17.22 -2.17 0.95
CA PHE A 197 -16.98 -1.49 -0.32
C PHE A 197 -16.27 -0.17 -0.06
N THR A 198 -15.48 0.25 -1.04
CA THR A 198 -14.85 1.56 -1.06
C THR A 198 -15.26 2.37 -2.30
N TYR A 199 -16.01 1.76 -3.20
CA TYR A 199 -16.43 2.41 -4.42
C TYR A 199 -17.56 1.57 -4.99
N LEU A 200 -18.64 2.23 -5.35
CA LEU A 200 -19.81 1.56 -5.88
C LEU A 200 -20.53 2.55 -6.78
N GLU A 201 -20.62 2.25 -8.08
CA GLU A 201 -21.24 3.15 -9.05
C GLU A 201 -22.31 2.42 -9.85
N ILE A 202 -23.49 3.03 -9.96
CA ILE A 202 -24.58 2.49 -10.76
C ILE A 202 -24.94 3.55 -11.78
N ASN A 203 -24.66 3.23 -13.05
CA ASN A 203 -24.73 4.13 -14.18
C ASN A 203 -25.29 3.47 -15.46
N PRO A 204 -26.62 3.35 -15.60
CA PRO A 204 -27.64 3.93 -14.73
C PRO A 204 -28.40 2.99 -13.82
N LEU A 205 -29.00 3.62 -12.83
CA LEU A 205 -30.13 3.06 -12.10
C LEU A 205 -31.43 3.47 -12.80
N VAL A 206 -32.33 2.53 -13.03
CA VAL A 206 -33.58 2.82 -13.72
C VAL A 206 -34.74 2.57 -12.77
N VAL A 207 -35.70 3.49 -12.78
CA VAL A 207 -36.91 3.38 -12.00
C VAL A 207 -38.08 3.65 -12.96
N THR A 208 -38.85 2.62 -13.25
CA THR A 208 -40.08 2.71 -14.03
C THR A 208 -41.23 2.37 -13.13
N LYS A 209 -42.44 2.42 -13.69
CA LYS A 209 -43.64 2.04 -12.96
C LYS A 209 -43.51 0.67 -12.31
N ASP A 210 -42.62 -0.19 -12.78
CA ASP A 210 -42.56 -1.57 -12.31
C ASP A 210 -41.53 -1.78 -11.22
N GLY A 211 -40.71 -0.78 -10.91
CA GLY A 211 -39.73 -0.93 -9.86
C GLY A 211 -38.34 -0.52 -10.32
N VAL A 212 -37.37 -0.97 -9.54
CA VAL A 212 -35.97 -0.55 -9.66
C VAL A 212 -35.16 -1.59 -10.40
N TYR A 213 -34.33 -1.10 -11.31
CA TYR A 213 -33.50 -1.92 -12.18
C TYR A 213 -32.07 -1.43 -12.06
N VAL A 214 -31.15 -2.32 -11.71
CA VAL A 214 -29.70 -2.04 -11.72
C VAL A 214 -29.12 -2.47 -13.07
N LEU A 215 -28.98 -1.52 -13.98
CA LEU A 215 -28.51 -1.80 -15.33
C LEU A 215 -27.01 -1.91 -15.46
N ASP A 216 -26.26 -1.50 -14.44
CA ASP A 216 -24.83 -1.30 -14.57
C ASP A 216 -24.22 -1.21 -13.19
N LEU A 217 -22.98 -1.67 -13.04
CA LEU A 217 -22.34 -1.62 -11.75
C LEU A 217 -20.84 -1.75 -11.91
N ALA A 218 -20.12 -0.92 -11.16
CA ALA A 218 -18.69 -1.05 -10.96
C ALA A 218 -18.45 -0.86 -9.47
N ALA A 219 -17.44 -1.55 -8.93
CA ALA A 219 -17.22 -1.51 -7.51
C ALA A 219 -15.82 -1.99 -7.18
N LYS A 220 -15.33 -1.52 -6.02
CA LYS A 220 -14.11 -2.02 -5.38
C LYS A 220 -14.46 -2.36 -3.96
N VAL A 221 -13.90 -3.44 -3.48
CA VAL A 221 -14.02 -3.75 -2.06
C VAL A 221 -12.63 -3.73 -1.44
N ASP A 222 -12.61 -3.47 -0.15
CA ASP A 222 -11.37 -3.45 0.61
C ASP A 222 -11.02 -4.90 0.88
N ALA A 223 -10.09 -5.43 0.10
CA ALA A 223 -9.81 -6.87 0.20
C ALA A 223 -9.22 -7.26 1.55
N THR A 224 -8.67 -6.32 2.34
CA THR A 224 -8.11 -6.71 3.64
C THR A 224 -9.17 -7.12 4.64
N ALA A 225 -10.44 -6.84 4.36
CA ALA A 225 -11.53 -7.20 5.25
C ALA A 225 -12.06 -8.63 5.01
N ASP A 226 -11.29 -9.49 4.33
CA ASP A 226 -11.74 -10.86 4.10
C ASP A 226 -12.07 -11.57 5.42
N TYR A 227 -11.22 -11.44 6.43
CA TYR A 227 -11.49 -12.08 7.72
C TYR A 227 -12.75 -11.56 8.40
N ILE A 228 -13.25 -10.40 8.03
CA ILE A 228 -14.55 -9.95 8.54
C ILE A 228 -15.69 -10.43 7.65
N CYS A 229 -15.49 -10.41 6.34
CA CYS A 229 -16.61 -10.50 5.41
C CYS A 229 -16.71 -11.83 4.69
N LYS A 230 -15.78 -12.77 4.93
CA LYS A 230 -15.70 -13.99 4.12
C LYS A 230 -17.04 -14.73 4.04
N VAL A 231 -17.86 -14.65 5.10
CA VAL A 231 -19.15 -15.35 5.12
C VAL A 231 -20.09 -14.77 4.08
N LYS A 232 -20.15 -13.44 4.00
CA LYS A 232 -20.97 -12.80 2.99
C LYS A 232 -20.32 -12.86 1.61
N TRP A 233 -19.00 -12.61 1.53
CA TRP A 233 -18.34 -12.53 0.23
C TRP A 233 -18.27 -13.89 -0.44
N GLY A 234 -18.22 -14.96 0.34
CA GLY A 234 -17.97 -16.27 -0.22
C GLY A 234 -16.61 -16.30 -0.90
N ASP A 235 -16.52 -17.13 -1.93
CA ASP A 235 -15.27 -17.28 -2.66
C ASP A 235 -15.23 -16.19 -3.72
N ILE A 236 -14.91 -14.99 -3.27
CA ILE A 236 -15.02 -13.82 -4.12
C ILE A 236 -13.80 -13.77 -5.02
N GLU A 237 -14.02 -13.35 -6.26
CA GLU A 237 -12.95 -13.22 -7.26
C GLU A 237 -12.55 -11.77 -7.40
N PHE A 238 -11.23 -11.53 -7.43
CA PHE A 238 -10.66 -10.22 -7.70
C PHE A 238 -9.88 -10.35 -9.01
N PRO A 239 -10.50 -10.03 -10.15
CA PRO A 239 -9.80 -10.22 -11.43
C PRO A 239 -8.64 -9.26 -11.56
N PRO A 240 -7.68 -9.55 -12.43
CA PRO A 240 -6.64 -8.58 -12.72
C PRO A 240 -7.21 -7.42 -13.50
N PRO A 241 -6.55 -6.28 -13.47
CA PRO A 241 -7.04 -5.16 -14.28
C PRO A 241 -7.01 -5.55 -15.75
N PHE A 242 -7.89 -4.94 -16.54
CA PHE A 242 -7.85 -5.16 -17.97
C PHE A 242 -6.47 -4.79 -18.50
N GLY A 243 -5.91 -5.67 -19.30
CA GLY A 243 -4.57 -5.46 -19.84
C GLY A 243 -3.53 -6.40 -19.27
N ARG A 244 -3.86 -7.09 -18.18
CA ARG A 244 -3.00 -8.11 -17.61
C ARG A 244 -3.76 -9.42 -17.48
N GLU A 245 -3.01 -10.50 -17.46
CA GLU A 245 -3.53 -11.81 -17.13
C GLU A 245 -3.28 -12.11 -15.66
N ALA A 246 -3.99 -13.11 -15.16
CA ALA A 246 -3.77 -13.64 -13.82
C ALA A 246 -2.95 -14.92 -13.95
N TYR A 247 -1.87 -15.03 -13.17
CA TYR A 247 -1.00 -16.20 -13.26
C TYR A 247 -1.03 -16.97 -11.96
N PRO A 248 -0.78 -18.29 -12.02
CA PRO A 248 -0.84 -19.09 -10.79
C PRO A 248 0.30 -18.81 -9.83
N GLU A 249 1.48 -18.41 -10.33
CA GLU A 249 2.56 -18.02 -9.43
C GLU A 249 2.16 -16.85 -8.54
N GLU A 250 1.42 -15.88 -9.10
CA GLU A 250 0.93 -14.73 -8.35
C GLU A 250 -0.02 -15.17 -7.23
N ALA A 251 -0.84 -16.18 -7.52
CA ALA A 251 -1.78 -16.70 -6.53
C ALA A 251 -1.06 -17.49 -5.45
N TYR A 252 -0.01 -18.22 -5.81
CA TYR A 252 0.83 -18.92 -4.83
C TYR A 252 1.45 -17.95 -3.82
N ILE A 253 2.08 -16.88 -4.31
CA ILE A 253 2.67 -15.85 -3.44
C ILE A 253 1.59 -15.17 -2.61
N ALA A 254 0.46 -14.84 -3.24
CA ALA A 254 -0.64 -14.27 -2.48
C ALA A 254 -1.07 -15.19 -1.35
N ASP A 255 -1.04 -16.51 -1.57
CA ASP A 255 -1.46 -17.38 -0.47
C ASP A 255 -0.41 -17.40 0.65
N LEU A 256 0.88 -17.41 0.30
CA LEU A 256 1.94 -17.21 1.31
C LEU A 256 1.74 -15.90 2.08
N ASP A 257 1.56 -14.80 1.35
CA ASP A 257 1.33 -13.51 1.98
C ASP A 257 0.22 -13.58 3.02
N ALA A 258 -0.86 -14.32 2.71
CA ALA A 258 -2.01 -14.40 3.62
C ALA A 258 -1.63 -15.06 4.95
N LYS A 259 -0.61 -15.90 4.96
CA LYS A 259 -0.34 -16.79 6.09
C LYS A 259 0.60 -16.19 7.14
N SER A 260 0.88 -14.89 7.08
CA SER A 260 1.91 -14.37 7.97
C SER A 260 1.82 -12.85 8.09
N GLY A 261 2.33 -12.33 9.22
CA GLY A 261 2.53 -10.90 9.37
C GLY A 261 3.40 -10.31 8.27
N ALA A 262 4.36 -11.10 7.74
CA ALA A 262 5.27 -10.61 6.71
C ALA A 262 4.56 -10.43 5.37
N SER A 263 5.15 -9.60 4.54
CA SER A 263 4.52 -9.16 3.31
C SER A 263 5.26 -9.81 2.15
N LEU A 264 4.52 -10.54 1.31
CA LEU A 264 5.08 -11.17 0.11
C LEU A 264 4.16 -10.86 -1.05
N LYS A 265 4.69 -10.20 -2.07
CA LYS A 265 3.88 -9.67 -3.17
C LYS A 265 4.57 -9.96 -4.51
N LEU A 266 3.81 -10.41 -5.49
CA LEU A 266 4.38 -10.67 -6.82
C LEU A 266 3.37 -10.34 -7.91
N THR A 267 3.79 -9.49 -8.84
CA THR A 267 2.98 -9.14 -10.00
C THR A 267 3.83 -9.30 -11.26
N LEU A 268 3.34 -10.12 -12.19
CA LEU A 268 4.02 -10.32 -13.48
C LEU A 268 3.57 -9.23 -14.43
N LEU A 269 4.54 -8.53 -14.97
CA LEU A 269 4.28 -7.47 -15.93
C LEU A 269 4.53 -7.94 -17.35
N ASN A 270 5.62 -8.70 -17.55
CA ASN A 270 6.01 -9.19 -18.86
C ASN A 270 6.75 -10.49 -18.59
N PRO A 271 6.07 -11.65 -18.70
CA PRO A 271 6.75 -12.92 -18.39
C PRO A 271 7.96 -13.24 -19.27
N LYS A 272 8.08 -12.64 -20.46
CA LYS A 272 9.23 -12.84 -21.33
C LYS A 272 10.33 -11.81 -21.11
N GLY A 273 10.14 -10.87 -20.20
CA GLY A 273 11.15 -9.86 -19.97
C GLY A 273 12.40 -10.46 -19.39
N ARG A 274 13.52 -9.80 -19.64
CA ARG A 274 14.82 -10.29 -19.22
C ARG A 274 15.32 -9.63 -17.93
N ILE A 275 14.58 -8.65 -17.39
CA ILE A 275 14.95 -7.97 -16.15
C ILE A 275 13.98 -8.38 -15.05
N TRP A 276 14.49 -9.11 -14.08
CA TRP A 276 13.72 -9.57 -12.94
C TRP A 276 14.28 -8.93 -11.69
N THR A 277 13.39 -8.67 -10.74
CA THR A 277 13.77 -8.08 -9.46
C THR A 277 13.37 -9.04 -8.35
N MET A 278 14.13 -9.03 -7.26
CA MET A 278 13.65 -9.59 -5.99
C MET A 278 14.18 -8.68 -4.88
N VAL A 279 13.39 -7.64 -4.60
CA VAL A 279 13.79 -6.51 -3.79
C VAL A 279 12.98 -6.55 -2.50
N ALA A 280 13.68 -6.33 -1.40
CA ALA A 280 13.02 -6.13 -0.11
C ALA A 280 12.41 -4.73 -0.01
N GLY A 281 11.22 -4.65 0.56
CA GLY A 281 10.62 -3.38 0.90
C GLY A 281 9.64 -2.85 -0.12
N GLY A 282 8.47 -2.43 0.38
CA GLY A 282 7.49 -1.78 -0.49
C GLY A 282 8.03 -0.51 -1.15
N GLY A 283 8.87 0.25 -0.44
CA GLY A 283 9.42 1.47 -1.00
C GLY A 283 10.55 1.22 -1.97
N ALA A 284 11.52 0.42 -1.56
CA ALA A 284 12.68 0.14 -2.39
C ALA A 284 12.30 -0.57 -3.69
N SER A 285 11.42 -1.56 -3.63
CA SER A 285 10.98 -2.23 -4.86
C SER A 285 10.52 -1.21 -5.90
N VAL A 286 9.69 -0.25 -5.48
CA VAL A 286 9.25 0.78 -6.41
C VAL A 286 10.41 1.64 -6.90
N VAL A 287 11.35 2.00 -6.02
CA VAL A 287 12.49 2.83 -6.46
C VAL A 287 13.35 2.08 -7.47
N TYR A 288 13.60 0.78 -7.21
CA TYR A 288 14.35 0.00 -8.18
C TYR A 288 13.61 -0.06 -9.51
N SER A 289 12.28 -0.25 -9.44
CA SER A 289 11.49 -0.32 -10.65
C SER A 289 11.52 1.01 -11.41
N ASP A 290 11.41 2.13 -10.68
CA ASP A 290 11.57 3.46 -11.26
C ASP A 290 12.90 3.57 -11.98
N THR A 291 13.97 3.11 -11.34
CA THR A 291 15.30 3.32 -11.90
C THR A 291 15.48 2.50 -13.16
N ILE A 292 15.03 1.25 -13.13
CA ILE A 292 15.07 0.40 -14.32
C ILE A 292 14.39 1.12 -15.49
N CYS A 293 13.22 1.74 -15.25
CA CYS A 293 12.48 2.39 -16.33
C CYS A 293 13.13 3.73 -16.74
N ASP A 294 13.77 4.44 -15.82
CA ASP A 294 14.51 5.63 -16.21
C ASP A 294 15.64 5.31 -17.14
N LEU A 295 16.18 4.09 -17.05
CA LEU A 295 17.35 3.71 -17.83
C LEU A 295 16.97 2.98 -19.11
N GLY A 296 15.67 2.90 -19.42
CA GLY A 296 15.21 2.38 -20.68
C GLY A 296 14.75 0.95 -20.66
N GLY A 297 14.47 0.39 -19.50
CA GLY A 297 14.18 -1.04 -19.43
C GLY A 297 12.75 -1.42 -19.20
N VAL A 298 11.80 -0.53 -19.46
CA VAL A 298 10.41 -0.80 -19.12
C VAL A 298 9.88 -2.00 -19.92
N ASN A 299 10.30 -2.11 -21.18
CA ASN A 299 9.79 -3.21 -21.98
C ASN A 299 10.43 -4.55 -21.63
N GLU A 300 11.54 -4.57 -20.88
CA GLU A 300 12.12 -5.84 -20.43
C GLU A 300 11.87 -6.13 -18.95
N LEU A 301 11.26 -5.22 -18.20
CA LEU A 301 10.95 -5.52 -16.80
C LEU A 301 9.87 -6.58 -16.71
N ALA A 302 10.20 -7.71 -16.10
CA ALA A 302 9.26 -8.81 -16.08
C ALA A 302 8.25 -8.76 -14.94
N ASN A 303 8.59 -8.14 -13.81
CA ASN A 303 7.81 -8.26 -12.59
C ASN A 303 7.96 -7.02 -11.70
N TYR A 304 6.95 -6.81 -10.87
CA TYR A 304 7.01 -5.97 -9.69
C TYR A 304 6.66 -6.87 -8.52
N GLY A 305 7.41 -6.71 -7.43
CA GLY A 305 7.04 -7.36 -6.20
C GLY A 305 8.01 -6.99 -5.12
N GLU A 306 7.74 -7.50 -3.93
CA GLU A 306 8.58 -7.24 -2.78
C GLU A 306 8.29 -8.27 -1.69
N TYR A 307 9.28 -8.45 -0.82
CA TYR A 307 9.15 -9.11 0.46
C TYR A 307 9.63 -8.14 1.53
N SER A 308 9.02 -8.20 2.72
CA SER A 308 9.32 -7.22 3.75
C SER A 308 8.71 -7.73 5.04
N GLY A 309 9.08 -7.09 6.14
CA GLY A 309 8.55 -7.47 7.45
C GLY A 309 9.14 -8.73 8.02
N ALA A 310 10.45 -8.96 7.83
CA ALA A 310 11.17 -10.05 8.45
C ALA A 310 10.57 -11.42 8.13
N PRO A 311 10.40 -11.74 6.84
CA PRO A 311 9.99 -13.11 6.48
C PRO A 311 11.03 -14.12 6.90
N SER A 312 10.60 -15.35 7.08
CA SER A 312 11.53 -16.43 7.42
C SER A 312 12.37 -16.86 6.22
N GLU A 313 13.38 -17.69 6.52
CA GLU A 313 14.24 -18.25 5.49
C GLU A 313 13.46 -19.15 4.52
N GLN A 314 12.52 -19.92 5.07
CA GLN A 314 11.66 -20.79 4.28
C GLN A 314 10.71 -19.97 3.41
N GLN A 315 10.17 -18.87 3.94
CA GLN A 315 9.32 -17.99 3.13
C GLN A 315 10.11 -17.39 1.97
N THR A 316 11.34 -16.94 2.24
CA THR A 316 12.14 -16.32 1.19
C THR A 316 12.55 -17.34 0.14
N TYR A 317 12.88 -18.56 0.58
CA TYR A 317 13.17 -19.65 -0.35
C TYR A 317 11.99 -19.92 -1.25
N ASP A 318 10.79 -20.04 -0.67
CA ASP A 318 9.60 -20.32 -1.46
C ASP A 318 9.30 -19.16 -2.40
N TYR A 319 9.49 -17.92 -1.94
CA TYR A 319 9.33 -16.79 -2.84
C TYR A 319 10.36 -16.86 -3.96
N ALA A 320 11.63 -17.05 -3.59
CA ALA A 320 12.71 -17.03 -4.56
C ALA A 320 12.55 -18.11 -5.61
N LYS A 321 12.19 -19.33 -5.19
CA LYS A 321 12.08 -20.42 -6.17
C LYS A 321 10.97 -20.14 -7.18
N THR A 322 9.94 -19.38 -6.79
CA THR A 322 8.94 -18.95 -7.77
C THR A 322 9.57 -18.06 -8.83
N ILE A 323 10.31 -17.04 -8.40
CA ILE A 323 10.97 -16.13 -9.35
C ILE A 323 11.88 -16.91 -10.26
N LEU A 324 12.73 -17.76 -9.66
CA LEU A 324 13.76 -18.41 -10.44
C LEU A 324 13.13 -19.37 -11.43
N SER A 325 12.05 -20.03 -11.03
CA SER A 325 11.28 -20.82 -11.96
C SER A 325 10.80 -19.97 -13.13
N LEU A 326 10.28 -18.78 -12.82
CA LEU A 326 9.68 -17.95 -13.86
C LEU A 326 10.70 -17.37 -14.83
N MET A 327 11.96 -17.17 -14.42
CA MET A 327 12.91 -16.56 -15.35
C MET A 327 13.71 -17.59 -16.15
N THR A 328 13.40 -18.87 -15.97
CA THR A 328 14.05 -19.95 -16.70
C THR A 328 13.00 -20.79 -17.44
N ARG A 329 12.02 -20.11 -18.06
CA ARG A 329 10.99 -20.75 -18.87
C ARG A 329 11.40 -20.79 -20.34
N GLU A 330 11.77 -19.65 -20.90
CA GLU A 330 12.27 -19.57 -22.26
C GLU A 330 13.54 -18.73 -22.26
N LYS A 331 14.44 -19.07 -23.18
CA LYS A 331 15.70 -18.35 -23.23
C LYS A 331 15.54 -17.03 -23.92
N HIS A 332 16.47 -16.14 -23.64
CA HIS A 332 16.45 -14.83 -24.25
C HIS A 332 17.83 -14.62 -24.85
N PRO A 333 17.92 -14.09 -26.06
CA PRO A 333 19.24 -14.02 -26.72
C PRO A 333 20.31 -13.35 -25.90
N ASP A 334 19.97 -12.25 -25.21
CA ASP A 334 20.94 -11.48 -24.44
C ASP A 334 21.10 -11.96 -23.00
N GLY A 335 20.69 -13.18 -22.66
CA GLY A 335 20.63 -13.59 -21.26
C GLY A 335 19.63 -12.76 -20.45
N LYS A 336 19.67 -12.97 -19.12
CA LYS A 336 18.76 -12.32 -18.17
C LYS A 336 19.54 -11.74 -16.98
N ILE A 337 18.91 -10.78 -16.30
CA ILE A 337 19.47 -10.22 -15.07
C ILE A 337 18.44 -10.33 -13.95
N LEU A 338 18.95 -10.60 -12.75
CA LEU A 338 18.18 -10.57 -11.53
C LEU A 338 18.76 -9.50 -10.60
N ILE A 339 17.90 -8.61 -10.12
CA ILE A 339 18.28 -7.53 -9.22
C ILE A 339 17.77 -7.91 -7.83
N ILE A 340 18.69 -8.25 -6.93
CA ILE A 340 18.35 -8.60 -5.55
C ILE A 340 18.79 -7.42 -4.69
N GLY A 341 17.84 -6.55 -4.34
CA GLY A 341 18.17 -5.27 -3.75
C GLY A 341 17.30 -4.97 -2.55
N GLY A 342 17.58 -3.82 -1.95
CA GLY A 342 16.78 -3.35 -0.85
C GLY A 342 17.48 -2.17 -0.19
N SER A 343 16.77 -1.61 0.80
CA SER A 343 17.38 -0.61 1.65
C SER A 343 18.32 -1.30 2.64
N ILE A 344 18.89 -0.47 3.50
CA ILE A 344 19.40 -0.94 4.78
C ILE A 344 18.20 -1.26 5.66
N ALA A 345 17.89 -2.55 5.80
CA ALA A 345 16.72 -2.98 6.57
C ALA A 345 16.79 -2.55 8.03
N ASN A 346 15.61 -2.26 8.58
CA ASN A 346 15.42 -2.04 10.00
C ASN A 346 15.55 -3.31 10.84
N PHE A 347 14.86 -4.39 10.45
CA PHE A 347 14.86 -5.58 11.30
C PHE A 347 14.72 -6.89 10.53
N THR A 348 14.47 -6.86 9.20
CA THR A 348 14.52 -8.08 8.42
C THR A 348 15.92 -8.68 8.54
N ASN A 349 15.97 -9.97 8.88
CA ASN A 349 17.23 -10.68 9.01
C ASN A 349 17.76 -10.98 7.61
N VAL A 350 18.84 -10.29 7.22
CA VAL A 350 19.36 -10.41 5.86
C VAL A 350 20.05 -11.75 5.68
N ALA A 351 20.66 -12.29 6.73
CA ALA A 351 21.31 -13.59 6.59
C ALA A 351 20.29 -14.69 6.41
N ALA A 352 19.29 -14.75 7.28
CA ALA A 352 18.23 -15.74 7.14
C ALA A 352 17.55 -15.64 5.78
N THR A 353 17.24 -14.41 5.30
CA THR A 353 16.54 -14.27 4.01
C THR A 353 17.48 -14.56 2.83
N PHE A 354 18.75 -14.12 2.88
CA PHE A 354 19.61 -14.41 1.74
C PHE A 354 19.98 -15.90 1.69
N LYS A 355 20.02 -16.57 2.85
CA LYS A 355 20.20 -18.02 2.85
C LYS A 355 19.05 -18.70 2.12
N GLY A 356 17.81 -18.25 2.32
CA GLY A 356 16.70 -18.79 1.55
C GLY A 356 16.85 -18.54 0.05
N ILE A 357 17.23 -17.32 -0.33
CA ILE A 357 17.46 -17.06 -1.74
C ILE A 357 18.61 -17.92 -2.27
N VAL A 358 19.68 -18.04 -1.48
CA VAL A 358 20.86 -18.80 -1.92
C VAL A 358 20.49 -20.26 -2.14
N ARG A 359 19.62 -20.81 -1.29
CA ARG A 359 19.19 -22.19 -1.47
C ARG A 359 18.32 -22.35 -2.70
N ALA A 360 17.47 -21.38 -3.00
CA ALA A 360 16.75 -21.42 -4.26
C ALA A 360 17.72 -21.34 -5.43
N ILE A 361 18.70 -20.44 -5.37
CA ILE A 361 19.66 -20.35 -6.46
C ILE A 361 20.36 -21.70 -6.66
N ARG A 362 20.71 -22.39 -5.57
CA ARG A 362 21.38 -23.69 -5.69
C ARG A 362 20.52 -24.65 -6.48
N ASP A 363 19.26 -24.79 -6.08
CA ASP A 363 18.34 -25.71 -6.72
C ASP A 363 18.10 -25.39 -8.19
N TYR A 364 18.35 -24.15 -8.61
CA TYR A 364 18.09 -23.73 -9.98
C TYR A 364 19.37 -23.38 -10.73
N GLN A 365 20.53 -23.78 -10.21
CA GLN A 365 21.76 -23.29 -10.82
C GLN A 365 21.89 -23.77 -12.25
N GLY A 366 21.39 -24.97 -12.54
CA GLY A 366 21.38 -25.50 -13.89
C GLY A 366 20.62 -24.62 -14.87
N PRO A 367 19.31 -24.50 -14.67
CA PRO A 367 18.53 -23.54 -15.48
C PRO A 367 19.12 -22.14 -15.49
N LEU A 368 19.57 -21.60 -14.35
CA LEU A 368 20.11 -20.24 -14.31
C LEU A 368 21.33 -20.08 -15.20
N LYS A 369 22.14 -21.12 -15.35
CA LYS A 369 23.30 -21.04 -16.26
C LYS A 369 22.88 -21.23 -17.71
N GLU A 370 21.91 -22.14 -17.97
CA GLU A 370 21.36 -22.28 -19.33
C GLU A 370 20.81 -20.97 -19.86
N HIS A 371 20.11 -20.21 -19.01
CA HIS A 371 19.52 -18.94 -19.41
C HIS A 371 20.45 -17.75 -19.24
N GLU A 372 21.73 -17.99 -18.94
CA GLU A 372 22.74 -16.95 -18.88
C GLU A 372 22.31 -15.81 -17.94
N VAL A 373 22.03 -16.18 -16.70
CA VAL A 373 21.57 -15.22 -15.71
C VAL A 373 22.77 -14.57 -15.03
N THR A 374 22.75 -13.24 -14.92
CA THR A 374 23.66 -12.49 -14.07
C THR A 374 22.90 -11.84 -12.92
N ILE A 375 23.42 -12.03 -11.70
CA ILE A 375 22.78 -11.57 -10.48
C ILE A 375 23.57 -10.40 -9.91
N PHE A 376 22.86 -9.32 -9.60
CA PHE A 376 23.39 -8.18 -8.85
C PHE A 376 22.68 -8.07 -7.50
N VAL A 377 23.47 -7.84 -6.43
CA VAL A 377 22.98 -7.78 -5.05
C VAL A 377 23.43 -6.45 -4.42
N ARG A 378 22.50 -5.80 -3.71
CA ARG A 378 22.83 -4.70 -2.80
C ARG A 378 21.87 -4.75 -1.63
N ARG A 379 22.42 -4.75 -0.42
CA ARG A 379 21.58 -4.88 0.77
C ARG A 379 22.37 -4.49 2.01
N GLY A 380 21.71 -3.81 2.94
CA GLY A 380 22.20 -3.68 4.31
C GLY A 380 21.12 -4.18 5.26
N GLY A 381 21.49 -4.25 6.54
CA GLY A 381 20.53 -4.59 7.55
C GLY A 381 21.12 -5.56 8.54
N PRO A 382 20.29 -6.06 9.48
CA PRO A 382 20.79 -7.03 10.46
C PRO A 382 21.48 -8.24 9.85
N ASN A 383 22.73 -8.50 10.21
CA ASN A 383 23.49 -9.64 9.69
C ASN A 383 23.75 -9.55 8.20
N TYR A 384 23.76 -8.33 7.64
CA TYR A 384 23.89 -8.22 6.20
C TYR A 384 25.23 -8.74 5.71
N GLN A 385 26.27 -8.59 6.54
CA GLN A 385 27.60 -9.01 6.12
C GLN A 385 27.61 -10.51 5.82
N GLU A 386 26.96 -11.32 6.66
CA GLU A 386 26.88 -12.75 6.40
C GLU A 386 25.97 -13.05 5.19
N GLY A 387 24.88 -12.29 5.02
CA GLY A 387 24.04 -12.45 3.85
C GLY A 387 24.83 -12.21 2.58
N LEU A 388 25.63 -11.15 2.55
CA LEU A 388 26.44 -10.86 1.39
C LEU A 388 27.49 -11.94 1.15
N ARG A 389 27.99 -12.55 2.23
CA ARG A 389 29.01 -13.59 2.06
C ARG A 389 28.42 -14.83 1.37
N VAL A 390 27.25 -15.29 1.82
CA VAL A 390 26.68 -16.50 1.24
C VAL A 390 26.28 -16.26 -0.22
N MET A 391 25.87 -15.04 -0.56
CA MET A 391 25.65 -14.72 -1.97
C MET A 391 26.95 -14.84 -2.77
N GLY A 392 28.03 -14.26 -2.24
CA GLY A 392 29.32 -14.39 -2.90
C GLY A 392 29.72 -15.84 -3.06
N GLU A 393 29.45 -16.65 -2.03
CA GLU A 393 29.88 -18.05 -2.05
C GLU A 393 29.03 -18.87 -3.02
N VAL A 394 27.74 -18.57 -3.12
CA VAL A 394 26.90 -19.35 -4.03
C VAL A 394 27.30 -19.06 -5.47
N GLY A 395 27.72 -17.83 -5.78
CA GLY A 395 28.23 -17.55 -7.11
C GLY A 395 29.50 -18.32 -7.43
N LYS A 396 30.47 -18.31 -6.51
CA LYS A 396 31.72 -19.02 -6.75
C LYS A 396 31.47 -20.53 -6.87
N THR A 397 30.56 -21.09 -6.07
CA THR A 397 30.37 -22.53 -6.10
C THR A 397 29.49 -23.02 -7.25
N THR A 398 28.72 -22.15 -7.91
CA THR A 398 27.85 -22.57 -9.00
C THR A 398 28.36 -22.20 -10.38
N GLY A 399 29.25 -21.21 -10.49
CA GLY A 399 29.58 -20.65 -11.78
C GLY A 399 28.77 -19.43 -12.17
N ILE A 400 27.67 -19.15 -11.48
CA ILE A 400 26.78 -18.02 -11.79
C ILE A 400 27.48 -16.72 -11.43
N PRO A 401 27.65 -15.78 -12.35
CA PRO A 401 28.21 -14.48 -11.97
C PRO A 401 27.26 -13.75 -11.03
N ILE A 402 27.78 -13.40 -9.85
CA ILE A 402 27.06 -12.64 -8.84
C ILE A 402 27.95 -11.50 -8.39
N HIS A 403 27.42 -10.29 -8.43
CA HIS A 403 28.12 -9.07 -8.02
C HIS A 403 27.42 -8.53 -6.79
N VAL A 404 28.14 -8.52 -5.66
CA VAL A 404 27.56 -8.33 -4.33
C VAL A 404 28.08 -7.02 -3.76
N PHE A 405 27.16 -6.18 -3.30
CA PHE A 405 27.44 -4.87 -2.73
C PHE A 405 26.64 -4.70 -1.46
N GLY A 406 27.11 -3.78 -0.64
CA GLY A 406 26.55 -3.53 0.68
C GLY A 406 26.18 -2.07 0.88
N THR A 407 26.28 -1.64 2.14
CA THR A 407 25.84 -0.32 2.59
C THR A 407 26.65 0.81 1.99
N GLU A 408 27.87 0.56 1.53
CA GLU A 408 28.70 1.64 1.00
C GLU A 408 28.43 1.90 -0.48
N THR A 409 27.58 1.11 -1.11
CA THR A 409 27.14 1.38 -2.47
C THR A 409 25.75 2.02 -2.42
N HIS A 410 25.53 3.07 -3.24
CA HIS A 410 24.19 3.66 -3.36
C HIS A 410 23.17 2.60 -3.78
N MET A 411 21.98 2.64 -3.19
CA MET A 411 20.98 1.57 -3.32
C MET A 411 20.77 1.12 -4.77
N THR A 412 20.64 2.07 -5.70
CA THR A 412 20.20 1.72 -7.06
C THR A 412 21.37 1.58 -8.03
N ALA A 413 22.60 1.83 -7.57
CA ALA A 413 23.74 1.78 -8.49
C ALA A 413 23.80 0.46 -9.23
N ILE A 414 23.36 -0.63 -8.60
CA ILE A 414 23.43 -1.90 -9.28
C ILE A 414 22.50 -1.96 -10.51
N VAL A 415 21.49 -1.09 -10.61
CA VAL A 415 20.67 -1.11 -11.81
C VAL A 415 21.50 -0.63 -13.00
N GLY A 416 22.17 0.51 -12.86
CA GLY A 416 23.04 0.98 -13.92
C GLY A 416 24.10 -0.03 -14.31
N MET A 417 24.70 -0.69 -13.31
CA MET A 417 25.67 -1.75 -13.59
C MET A 417 25.05 -2.85 -14.44
N ALA A 418 23.84 -3.31 -14.08
CA ALA A 418 23.29 -4.51 -14.71
C ALA A 418 22.84 -4.23 -16.14
N LEU A 419 22.54 -2.98 -16.46
CA LEU A 419 22.10 -2.55 -17.79
C LEU A 419 23.22 -1.87 -18.57
N GLY A 420 24.46 -1.95 -18.10
CA GLY A 420 25.59 -1.45 -18.87
C GLY A 420 25.76 0.05 -18.92
N HIS A 421 25.02 0.83 -18.12
CA HIS A 421 25.24 2.27 -18.15
C HIS A 421 26.42 2.72 -17.31
N ARG A 422 26.92 1.88 -16.40
CA ARG A 422 28.08 2.26 -15.62
C ARG A 422 28.96 1.04 -15.41
N PRO A 423 30.26 1.25 -15.16
CA PRO A 423 31.14 0.11 -14.89
C PRO A 423 30.90 -0.46 -13.49
N ILE A 424 31.22 -1.74 -13.35
CA ILE A 424 31.16 -2.43 -12.05
C ILE A 424 32.36 -2.07 -11.17
N PRO A 425 32.16 -1.38 -10.02
CA PRO A 425 33.30 -1.02 -9.17
C PRO A 425 33.67 -2.14 -8.22
N GLU A 426 34.65 -2.98 -8.59
CA GLU A 426 35.05 -4.11 -7.76
C GLU A 426 35.61 -3.67 -6.40
N ASN A 427 36.10 -2.45 -6.30
CA ASN A 427 36.61 -1.92 -5.05
C ASN A 427 35.53 -1.64 -4.01
N LEU A 428 34.27 -1.97 -4.30
CA LEU A 428 33.17 -1.78 -3.36
C LEU A 428 32.52 -3.08 -2.93
N TYR A 429 32.95 -4.21 -3.47
CA TYR A 429 32.35 -5.50 -3.17
C TYR A 429 32.30 -5.72 -1.65
N PHE A 430 31.14 -6.21 -1.17
CA PHE A 430 30.90 -6.70 0.18
C PHE A 430 30.84 -5.60 1.26
N GLN A 431 31.03 -4.33 0.90
CA GLN A 431 31.07 -3.25 1.90
C GLN A 431 29.69 -2.56 2.06
N SER B 1 -3.36 19.79 12.35
CA SER B 1 -2.27 19.08 13.01
C SER B 1 -2.46 19.06 14.53
N LYS B 2 -1.60 18.32 15.22
CA LYS B 2 -1.74 18.19 16.67
C LYS B 2 -0.41 18.59 17.32
N SER B 3 0.01 17.90 18.36
CA SER B 3 1.19 18.31 19.12
C SER B 3 2.43 18.44 18.25
N THR B 4 3.17 19.52 18.48
CA THR B 4 4.46 19.69 17.82
C THR B 4 5.46 18.65 18.28
N THR B 5 5.50 18.34 19.56
CA THR B 5 6.50 17.45 20.11
C THR B 5 5.84 16.18 20.61
N LEU B 6 6.27 15.05 20.07
CA LEU B 6 5.74 13.74 20.46
C LEU B 6 6.62 13.05 21.48
N PHE B 7 7.93 13.15 21.32
CA PHE B 7 8.85 12.40 22.12
C PHE B 7 9.96 13.30 22.65
N SER B 8 10.50 12.88 23.79
CA SER B 8 11.65 13.51 24.40
C SER B 8 12.50 12.41 25.03
N ARG B 9 13.62 12.83 25.61
CA ARG B 9 14.52 11.93 26.30
CA ARG B 9 14.48 11.86 26.26
C ARG B 9 13.89 11.34 27.56
N HIS B 10 12.70 11.82 27.95
CA HIS B 10 11.98 11.26 29.10
C HIS B 10 10.79 10.41 28.72
N THR B 11 10.47 10.32 27.43
CA THR B 11 9.32 9.54 26.98
C THR B 11 9.33 8.14 27.55
N LYS B 12 8.19 7.74 28.11
CA LYS B 12 7.92 6.38 28.54
C LYS B 12 6.80 5.79 27.71
N ALA B 13 6.99 4.55 27.23
CA ALA B 13 6.04 3.88 26.37
C ALA B 13 5.58 2.54 26.95
N ILE B 14 4.39 2.12 26.54
CA ILE B 14 3.93 0.74 26.69
C ILE B 14 4.00 0.07 25.32
N VAL B 15 4.49 -1.15 25.28
CA VAL B 15 4.53 -1.95 24.07
C VAL B 15 3.46 -3.02 24.19
N TRP B 16 2.51 -3.00 23.25
CA TRP B 16 1.49 -4.02 23.16
C TRP B 16 2.01 -5.13 22.26
N GLY B 17 2.23 -6.30 22.85
CA GLY B 17 2.73 -7.45 22.10
C GLY B 17 3.95 -8.05 22.78
N MET B 18 4.34 -9.27 22.41
CA MET B 18 5.51 -9.92 23.03
C MET B 18 6.66 -9.77 22.04
N GLN B 19 7.30 -8.61 22.09
CA GLN B 19 8.30 -8.15 21.10
C GLN B 19 9.60 -7.83 21.83
N THR B 20 10.21 -8.86 22.40
CA THR B 20 11.38 -8.67 23.25
C THR B 20 12.58 -8.14 22.46
N ARG B 21 12.74 -8.59 21.22
CA ARG B 21 13.83 -8.09 20.39
C ARG B 21 13.66 -6.62 20.09
N ALA B 22 12.46 -6.18 19.71
CA ALA B 22 12.26 -4.75 19.46
C ALA B 22 12.47 -3.91 20.72
N VAL B 23 11.96 -4.39 21.86
CA VAL B 23 12.13 -3.67 23.13
C VAL B 23 13.61 -3.55 23.49
N GLN B 24 14.34 -4.66 23.42
CA GLN B 24 15.77 -4.61 23.74
C GLN B 24 16.50 -3.69 22.79
N GLY B 25 16.11 -3.70 21.51
CA GLY B 25 16.67 -2.77 20.56
C GLY B 25 16.41 -1.32 20.95
N MET B 26 15.19 -1.04 21.43
CA MET B 26 14.92 0.32 21.93
C MET B 26 15.84 0.66 23.09
N LEU B 27 16.06 -0.28 24.01
CA LEU B 27 16.91 -0.02 25.16
C LEU B 27 18.36 0.20 24.76
N ASP B 28 18.86 -0.53 23.75
CA ASP B 28 20.22 -0.28 23.28
C ASP B 28 20.36 1.15 22.79
N PHE B 29 19.38 1.60 21.99
CA PHE B 29 19.31 2.99 21.54
C PHE B 29 19.31 3.94 22.72
N ASP B 30 18.35 3.75 23.64
CA ASP B 30 18.25 4.62 24.83
C ASP B 30 19.60 4.76 25.52
N TYR B 31 20.34 3.65 25.65
CA TYR B 31 21.62 3.66 26.34
C TYR B 31 22.67 4.54 25.64
N VAL B 32 22.91 4.34 24.33
CA VAL B 32 23.90 5.19 23.65
C VAL B 32 23.42 6.63 23.49
N CYS B 33 22.10 6.87 23.60
CA CYS B 33 21.58 8.22 23.62
C CYS B 33 21.76 8.91 24.96
N SER B 34 22.28 8.20 25.95
CA SER B 34 22.50 8.73 27.29
C SER B 34 21.19 9.14 27.95
N ARG B 35 20.12 8.40 27.68
CA ARG B 35 18.90 8.58 28.45
C ARG B 35 19.11 8.15 29.90
N ASP B 36 18.40 8.82 30.80
CA ASP B 36 18.42 8.43 32.21
C ASP B 36 17.83 7.05 32.40
N GLU B 37 16.81 6.70 31.61
CA GLU B 37 16.01 5.53 31.88
C GLU B 37 15.58 4.85 30.59
N PRO B 38 15.34 3.56 30.66
CA PRO B 38 14.75 2.85 29.53
C PRO B 38 13.45 3.53 29.06
N SER B 39 13.22 3.51 27.74
CA SER B 39 12.02 4.13 27.19
C SER B 39 10.77 3.24 27.29
N VAL B 40 10.92 1.98 27.69
CA VAL B 40 9.80 1.05 27.78
C VAL B 40 9.54 0.78 29.26
N ALA B 41 8.37 1.24 29.72
CA ALA B 41 7.92 1.10 31.10
C ALA B 41 7.24 -0.25 31.32
N ALA B 42 6.58 -0.78 30.30
CA ALA B 42 5.82 -2.01 30.50
C ALA B 42 5.36 -2.50 29.16
N MET B 43 5.04 -3.78 29.11
CA MET B 43 4.46 -4.40 27.95
C MET B 43 3.10 -4.93 28.35
N VAL B 44 2.23 -5.06 27.36
CA VAL B 44 0.90 -5.64 27.52
C VAL B 44 0.82 -6.82 26.57
N TYR B 45 0.45 -7.98 27.10
CA TYR B 45 0.34 -9.20 26.28
C TYR B 45 -0.74 -10.11 26.87
N PRO B 46 -1.94 -10.15 26.29
CA PRO B 46 -3.03 -10.88 26.95
C PRO B 46 -2.94 -12.40 26.83
N PHE B 47 -2.07 -12.92 25.97
CA PHE B 47 -1.87 -14.37 25.83
C PHE B 47 -1.00 -14.97 26.94
N THR B 48 -0.46 -14.16 27.85
CA THR B 48 0.32 -14.66 28.98
C THR B 48 -0.25 -14.04 30.23
N GLY B 49 0.09 -14.62 31.38
CA GLY B 49 -0.22 -13.97 32.64
C GLY B 49 0.74 -12.86 32.96
N ASP B 50 0.37 -12.03 33.93
CA ASP B 50 1.28 -11.05 34.50
C ASP B 50 2.63 -11.73 34.74
N HIS B 51 3.70 -11.06 34.37
CA HIS B 51 5.03 -11.53 34.73
C HIS B 51 6.03 -10.38 34.55
N LYS B 52 7.30 -10.73 34.51
CA LYS B 52 8.36 -9.76 34.32
C LYS B 52 9.34 -10.36 33.34
N GLN B 53 9.85 -9.53 32.46
CA GLN B 53 10.75 -9.97 31.42
C GLN B 53 12.12 -9.33 31.65
N LYS B 54 13.17 -10.11 31.38
CA LYS B 54 14.55 -9.68 31.54
C LYS B 54 15.01 -8.95 30.30
N PHE B 55 15.55 -7.76 30.50
CA PHE B 55 16.22 -7.01 29.46
C PHE B 55 17.56 -6.52 29.97
N TYR B 56 18.29 -5.83 29.12
CA TYR B 56 19.60 -5.31 29.48
C TYR B 56 19.68 -3.81 29.29
N TRP B 57 20.09 -3.12 30.34
CA TRP B 57 20.43 -1.71 30.32
C TRP B 57 21.94 -1.61 30.39
N GLY B 58 22.57 -1.45 29.23
CA GLY B 58 23.99 -1.71 29.10
C GLY B 58 24.26 -3.16 29.43
N HIS B 59 25.16 -3.42 30.37
CA HIS B 59 25.46 -4.77 30.77
C HIS B 59 24.59 -5.25 31.93
N LYS B 60 23.81 -4.35 32.54
CA LYS B 60 22.99 -4.65 33.72
C LYS B 60 21.65 -5.24 33.33
N GLU B 61 21.31 -6.37 33.95
CA GLU B 61 20.02 -7.01 33.75
C GLU B 61 18.95 -6.24 34.52
N ILE B 62 17.85 -5.90 33.85
CA ILE B 62 16.72 -5.20 34.46
C ILE B 62 15.47 -5.98 34.15
N LEU B 63 14.40 -5.63 34.86
CA LEU B 63 13.11 -6.27 34.69
C LEU B 63 12.11 -5.25 34.21
N ILE B 64 11.34 -5.64 33.19
CA ILE B 64 10.27 -4.82 32.65
C ILE B 64 8.98 -5.62 32.82
N PRO B 65 7.95 -5.06 33.46
CA PRO B 65 6.73 -5.84 33.72
C PRO B 65 5.91 -6.06 32.48
N VAL B 66 5.30 -7.25 32.41
CA VAL B 66 4.35 -7.59 31.38
C VAL B 66 2.99 -7.83 32.03
N PHE B 67 1.97 -7.16 31.51
CA PHE B 67 0.60 -7.17 32.03
C PHE B 67 -0.32 -7.88 31.06
N LYS B 68 -1.21 -8.72 31.61
CA LYS B 68 -2.23 -9.33 30.79
C LYS B 68 -3.25 -8.30 30.34
N ASN B 69 -3.60 -7.33 31.20
CA ASN B 69 -4.65 -6.36 30.94
C ASN B 69 -4.08 -4.96 30.82
N MET B 70 -4.53 -4.25 29.79
CA MET B 70 -4.07 -2.88 29.57
C MET B 70 -4.34 -2.01 30.78
N ALA B 71 -5.48 -2.19 31.43
CA ALA B 71 -5.83 -1.33 32.55
C ALA B 71 -4.82 -1.43 33.68
N ASP B 72 -4.23 -2.61 33.92
CA ASP B 72 -3.24 -2.71 34.99
C ASP B 72 -1.97 -1.96 34.63
N ALA B 73 -1.55 -2.09 33.37
CA ALA B 73 -0.34 -1.42 32.96
C ALA B 73 -0.51 0.08 33.00
N MET B 74 -1.66 0.58 32.56
CA MET B 74 -1.88 2.02 32.57
C MET B 74 -1.90 2.55 33.98
N ARG B 75 -2.62 1.86 34.86
CA ARG B 75 -2.76 2.31 36.25
C ARG B 75 -1.40 2.33 36.95
N LYS B 76 -0.58 1.32 36.69
CA LYS B 76 0.71 1.19 37.37
C LYS B 76 1.79 2.04 36.76
N HIS B 77 1.61 2.55 35.54
CA HIS B 77 2.63 3.36 34.88
C HIS B 77 2.01 4.64 34.34
N PRO B 78 1.60 5.55 35.23
CA PRO B 78 0.99 6.81 34.77
C PRO B 78 1.95 7.75 34.07
N GLU B 79 3.26 7.51 34.15
CA GLU B 79 4.26 8.28 33.40
C GLU B 79 4.25 7.95 31.90
N VAL B 80 3.58 6.87 31.46
CA VAL B 80 3.57 6.45 30.06
C VAL B 80 2.62 7.36 29.27
N ASP B 81 3.13 7.95 28.19
CA ASP B 81 2.26 8.71 27.29
C ASP B 81 2.38 8.23 25.83
N VAL B 82 3.05 7.13 25.58
CA VAL B 82 3.18 6.57 24.26
C VAL B 82 2.85 5.10 24.34
N LEU B 83 2.07 4.60 23.38
CA LEU B 83 1.92 3.17 23.21
C LEU B 83 2.33 2.74 21.80
N ILE B 84 3.10 1.68 21.73
CA ILE B 84 3.50 1.09 20.46
C ILE B 84 2.75 -0.23 20.30
N ASN B 85 1.97 -0.34 19.25
CA ASN B 85 1.02 -1.42 19.12
C ASN B 85 1.45 -2.43 18.05
N PHE B 86 1.92 -3.59 18.49
CA PHE B 86 2.31 -4.69 17.63
C PHE B 86 1.23 -5.75 17.48
N ALA B 87 -0.01 -5.46 17.88
CA ALA B 87 -1.09 -6.42 17.71
C ALA B 87 -1.26 -6.81 16.25
N SER B 88 -1.65 -8.07 16.03
CA SER B 88 -1.92 -8.55 14.68
C SER B 88 -3.00 -7.70 14.03
N LEU B 89 -3.07 -7.80 12.69
CA LEU B 89 -4.08 -7.01 11.98
C LEU B 89 -5.48 -7.31 12.50
N ARG B 90 -5.69 -8.53 13.01
CA ARG B 90 -7.03 -8.92 13.43
C ARG B 90 -7.50 -8.15 14.64
N SER B 91 -6.59 -7.79 15.55
CA SER B 91 -7.00 -7.15 16.79
C SER B 91 -6.42 -5.76 16.99
N ALA B 92 -5.73 -5.20 15.99
CA ALA B 92 -5.12 -3.89 16.21
C ALA B 92 -6.19 -2.81 16.38
N TYR B 93 -7.33 -2.95 15.71
CA TYR B 93 -8.41 -1.98 15.86
C TYR B 93 -8.92 -1.93 17.29
N ASP B 94 -9.18 -3.09 17.87
CA ASP B 94 -9.78 -3.11 19.20
C ASP B 94 -8.79 -2.67 20.25
N SER B 95 -7.53 -3.11 20.16
CA SER B 95 -6.55 -2.68 21.16
C SER B 95 -6.21 -1.21 21.01
N THR B 96 -6.27 -0.64 19.80
CA THR B 96 -5.98 0.78 19.66
C THR B 96 -7.12 1.63 20.19
N MET B 97 -8.37 1.25 19.90
CA MET B 97 -9.53 1.94 20.46
C MET B 97 -9.50 1.90 21.98
N GLU B 98 -9.09 0.75 22.52
CA GLU B 98 -9.02 0.63 23.97
C GLU B 98 -7.97 1.55 24.55
N THR B 99 -6.80 1.63 23.90
CA THR B 99 -5.74 2.54 24.35
C THR B 99 -6.27 3.95 24.49
N MET B 100 -7.12 4.36 23.56
CA MET B 100 -7.58 5.74 23.53
C MET B 100 -8.68 6.03 24.53
N ASN B 101 -9.03 5.08 25.40
CA ASN B 101 -9.76 5.38 26.62
C ASN B 101 -8.87 5.87 27.74
N TYR B 102 -7.56 5.91 27.55
CA TYR B 102 -6.64 6.30 28.61
C TYR B 102 -6.05 7.65 28.22
N ALA B 103 -6.52 8.70 28.89
CA ALA B 103 -6.13 10.09 28.59
C ALA B 103 -4.62 10.30 28.63
N GLN B 104 -3.90 9.47 29.37
CA GLN B 104 -2.45 9.66 29.47
C GLN B 104 -1.75 9.40 28.14
N ILE B 105 -2.36 8.67 27.22
CA ILE B 105 -1.74 8.33 25.95
C ILE B 105 -1.98 9.44 24.95
N ARG B 106 -0.90 10.09 24.53
CA ARG B 106 -0.94 11.16 23.54
C ARG B 106 -0.43 10.72 22.16
N THR B 107 0.35 9.64 22.09
CA THR B 107 0.83 9.17 20.79
C THR B 107 0.72 7.65 20.76
N ILE B 108 0.23 7.14 19.63
CA ILE B 108 0.16 5.69 19.39
C ILE B 108 0.82 5.35 18.05
N ALA B 109 1.65 4.33 18.06
CA ALA B 109 2.18 3.74 16.84
C ALA B 109 1.41 2.45 16.54
N ILE B 110 0.90 2.32 15.34
CA ILE B 110 0.22 1.10 14.93
C ILE B 110 1.09 0.41 13.89
N ILE B 111 1.64 -0.76 14.23
CA ILE B 111 2.62 -1.42 13.36
C ILE B 111 1.94 -2.20 12.23
N ALA B 112 0.85 -2.90 12.52
CA ALA B 112 0.36 -3.95 11.63
C ALA B 112 -0.02 -3.42 10.25
N GLU B 113 0.34 -4.20 9.23
CA GLU B 113 -0.19 -4.11 7.86
C GLU B 113 -1.47 -4.95 7.73
N GLY B 114 -2.40 -4.49 6.89
CA GLY B 114 -3.61 -5.25 6.60
C GLY B 114 -4.86 -4.87 7.38
N ILE B 115 -4.86 -3.74 8.04
CA ILE B 115 -6.06 -3.27 8.74
C ILE B 115 -7.00 -2.68 7.71
N PRO B 116 -8.27 -3.08 7.66
CA PRO B 116 -9.22 -2.47 6.72
C PRO B 116 -9.29 -0.95 6.87
N GLU B 117 -9.43 -0.29 5.74
CA GLU B 117 -9.42 1.17 5.68
C GLU B 117 -10.56 1.77 6.47
N ALA B 118 -11.71 1.10 6.50
CA ALA B 118 -12.86 1.64 7.21
C ALA B 118 -12.64 1.59 8.73
N LEU B 119 -11.91 0.59 9.21
CA LEU B 119 -11.55 0.57 10.63
C LEU B 119 -10.54 1.68 10.97
N THR B 120 -9.55 1.87 10.11
CA THR B 120 -8.59 2.94 10.32
C THR B 120 -9.26 4.31 10.31
N ARG B 121 -10.27 4.51 9.45
CA ARG B 121 -10.95 5.80 9.47
C ARG B 121 -11.61 6.05 10.81
N LYS B 122 -12.16 5.01 11.41
CA LYS B 122 -12.77 5.17 12.72
C LYS B 122 -11.71 5.41 13.80
N LEU B 123 -10.54 4.76 13.70
CA LEU B 123 -9.45 5.08 14.62
C LEU B 123 -9.03 6.52 14.47
N ILE B 124 -8.86 6.98 13.23
CA ILE B 124 -8.51 8.39 12.95
C ILE B 124 -9.54 9.34 13.53
N LYS B 125 -10.82 9.02 13.39
CA LYS B 125 -11.85 9.89 13.93
C LYS B 125 -11.75 9.99 15.45
N LYS B 126 -11.60 8.84 16.13
CA LYS B 126 -11.42 8.90 17.58
C LYS B 126 -10.13 9.61 17.97
N ALA B 127 -9.01 9.34 17.27
CA ALA B 127 -7.77 10.04 17.61
C ALA B 127 -7.90 11.54 17.41
N ASP B 128 -8.59 11.96 16.35
CA ASP B 128 -8.77 13.40 16.11
C ASP B 128 -9.61 14.04 17.19
N GLN B 129 -10.67 13.36 17.63
CA GLN B 129 -11.49 13.84 18.74
C GLN B 129 -10.64 14.09 19.98
N LYS B 130 -9.75 13.15 20.28
CA LYS B 130 -8.98 13.14 21.52
C LYS B 130 -7.64 13.84 21.39
N GLY B 131 -7.26 14.30 20.21
CA GLY B 131 -5.97 14.94 20.07
C GLY B 131 -4.81 13.99 20.12
N VAL B 132 -5.05 12.68 19.92
CA VAL B 132 -3.98 11.69 19.94
C VAL B 132 -3.34 11.57 18.56
N THR B 133 -2.01 11.59 18.52
CA THR B 133 -1.28 11.42 17.26
C THR B 133 -1.10 9.93 17.01
N ILE B 134 -1.53 9.49 15.84
CA ILE B 134 -1.38 8.11 15.41
C ILE B 134 -0.29 8.09 14.37
N ILE B 135 0.70 7.23 14.56
CA ILE B 135 1.71 6.94 13.54
C ILE B 135 1.42 5.54 13.03
N GLY B 136 1.15 5.43 11.73
CA GLY B 136 0.71 4.17 11.15
C GLY B 136 -0.74 4.28 10.74
N PRO B 137 -1.34 3.16 10.32
CA PRO B 137 -0.80 1.80 10.38
C PRO B 137 0.20 1.40 9.33
N ALA B 138 0.59 0.14 9.41
CA ALA B 138 1.50 -0.48 8.44
C ALA B 138 2.84 0.27 8.38
N THR B 139 3.50 0.38 9.52
CA THR B 139 4.74 1.15 9.61
C THR B 139 5.67 0.49 10.60
N VAL B 140 6.98 0.69 10.35
CA VAL B 140 7.98 0.34 11.34
C VAL B 140 7.97 1.39 12.44
N GLY B 141 7.58 2.61 12.12
CA GLY B 141 7.37 3.65 13.10
C GLY B 141 8.09 4.96 12.85
N GLY B 142 9.30 5.10 13.39
CA GLY B 142 10.02 6.35 13.36
C GLY B 142 11.08 6.44 14.43
N ILE B 143 11.85 7.53 14.40
CA ILE B 143 13.00 7.65 15.30
C ILE B 143 13.31 9.12 15.57
N LYS B 144 13.56 9.43 16.83
CA LYS B 144 13.99 10.76 17.23
C LYS B 144 15.32 10.63 17.96
N PRO B 145 16.43 10.81 17.27
CA PRO B 145 17.74 10.62 17.90
C PRO B 145 17.90 11.43 19.19
N GLY B 146 18.58 10.79 20.15
CA GLY B 146 18.73 11.33 21.48
C GLY B 146 17.57 11.07 22.40
N CYS B 147 16.43 10.61 21.88
CA CYS B 147 15.19 10.66 22.64
C CYS B 147 14.44 9.35 22.70
N PHE B 148 14.05 8.81 21.56
CA PHE B 148 13.11 7.70 21.51
C PHE B 148 13.14 7.09 20.11
N LYS B 149 12.98 5.78 20.05
CA LYS B 149 12.83 5.14 18.77
C LYS B 149 11.66 4.16 18.85
N ILE B 150 10.85 4.12 17.80
CA ILE B 150 9.64 3.28 17.78
C ILE B 150 10.02 1.87 17.32
N GLY B 151 10.04 0.91 18.25
CA GLY B 151 10.12 -0.50 17.91
C GLY B 151 11.39 -0.81 17.16
N ASN B 152 11.23 -1.45 16.00
CA ASN B 152 12.35 -1.89 15.21
C ASN B 152 12.99 -0.76 14.40
N THR B 153 12.45 0.44 14.42
CA THR B 153 12.96 1.48 13.53
C THR B 153 14.45 1.67 13.81
N GLY B 154 15.25 1.71 12.76
CA GLY B 154 16.67 1.97 12.89
C GLY B 154 17.51 0.75 13.21
N GLY B 155 16.89 -0.38 13.56
CA GLY B 155 17.62 -1.62 13.74
C GLY B 155 18.52 -1.65 14.96
N MET B 156 19.65 -2.30 14.78
CA MET B 156 20.51 -2.61 15.90
C MET B 156 21.54 -1.51 16.07
N LEU B 157 22.31 -1.67 17.12
CA LEU B 157 23.27 -0.66 17.53
C LEU B 157 24.28 -0.31 16.45
N ASP B 158 24.78 -1.30 15.70
CA ASP B 158 25.76 -0.98 14.67
C ASP B 158 25.20 0.06 13.69
N ASN B 159 23.90 -0.02 13.38
CA ASN B 159 23.30 0.94 12.45
C ASN B 159 23.00 2.28 13.14
N ILE B 160 22.54 2.23 14.40
CA ILE B 160 22.36 3.46 15.19
C ILE B 160 23.65 4.24 15.23
N LEU B 161 24.78 3.55 15.42
CA LEU B 161 26.07 4.24 15.52
C LEU B 161 26.53 4.73 14.15
N ALA B 162 26.45 3.88 13.13
CA ALA B 162 26.93 4.27 11.82
C ALA B 162 26.14 5.46 11.25
N SER B 163 24.84 5.56 11.53
CA SER B 163 24.05 6.65 10.99
C SER B 163 23.91 7.83 11.93
N LYS B 164 24.68 7.86 13.03
CA LYS B 164 24.77 8.99 13.96
C LYS B 164 23.44 9.24 14.65
N LEU B 165 22.64 8.19 14.80
CA LEU B 165 21.28 8.33 15.30
C LEU B 165 21.20 8.45 16.79
N TYR B 166 22.34 8.55 17.48
CA TYR B 166 22.40 8.72 18.92
C TYR B 166 22.39 10.20 19.34
N ARG B 167 22.47 11.15 18.41
CA ARG B 167 22.28 12.56 18.75
C ARG B 167 21.64 13.27 17.56
N PRO B 168 20.77 14.25 17.79
CA PRO B 168 20.13 14.94 16.66
C PRO B 168 21.04 15.88 15.91
N GLY B 169 20.96 15.81 14.58
CA GLY B 169 21.40 16.86 13.69
C GLY B 169 20.27 17.85 13.44
N SER B 170 20.16 18.39 12.22
CA SER B 170 19.24 19.49 11.94
C SER B 170 18.16 19.14 10.92
N VAL B 171 18.16 17.91 10.41
CA VAL B 171 17.36 17.46 9.27
C VAL B 171 16.26 16.54 9.78
N ALA B 172 15.02 16.91 9.50
CA ALA B 172 13.87 16.06 9.82
C ALA B 172 13.32 15.48 8.53
N TYR B 173 12.73 14.28 8.61
CA TYR B 173 12.14 13.66 7.43
C TYR B 173 10.83 12.96 7.75
N VAL B 174 10.05 12.78 6.70
CA VAL B 174 8.86 11.95 6.76
C VAL B 174 8.81 11.12 5.47
N SER B 175 8.56 9.82 5.62
CA SER B 175 8.51 8.86 4.53
C SER B 175 7.25 8.00 4.63
N ARG B 176 6.78 7.51 3.48
CA ARG B 176 5.78 6.45 3.49
C ARG B 176 6.37 5.05 3.70
N SER B 177 7.68 4.85 3.47
CA SER B 177 8.34 3.54 3.57
C SER B 177 9.22 3.45 4.82
N GLY B 178 9.10 2.37 5.56
CA GLY B 178 10.00 2.15 6.68
C GLY B 178 11.42 1.78 6.25
N GLY B 179 11.54 0.84 5.32
CA GLY B 179 12.86 0.46 4.86
C GLY B 179 13.62 1.64 4.30
N MET B 180 12.96 2.44 3.47
CA MET B 180 13.56 3.65 2.95
C MET B 180 13.80 4.72 4.01
N SER B 181 13.07 4.69 5.12
CA SER B 181 13.38 5.63 6.18
C SER B 181 14.76 5.35 6.73
N ASN B 182 15.18 4.08 6.76
CA ASN B 182 16.49 3.74 7.27
C ASN B 182 17.57 4.05 6.26
N GLU B 183 17.24 3.98 4.96
CA GLU B 183 18.13 4.47 3.91
C GLU B 183 18.34 5.98 4.01
N LEU B 184 17.28 6.73 4.30
CA LEU B 184 17.40 8.16 4.56
C LEU B 184 18.24 8.44 5.82
N ASN B 185 18.04 7.67 6.88
CA ASN B 185 18.95 7.80 8.01
C ASN B 185 20.40 7.81 7.53
N ASN B 186 20.72 6.90 6.61
CA ASN B 186 22.09 6.74 6.11
C ASN B 186 22.49 7.94 5.25
N ILE B 187 21.69 8.25 4.24
CA ILE B 187 21.98 9.36 3.33
C ILE B 187 22.16 10.66 4.10
N ILE B 188 21.21 10.97 4.98
CA ILE B 188 21.26 12.22 5.71
C ILE B 188 22.48 12.27 6.61
N SER B 189 22.84 11.12 7.24
CA SER B 189 23.97 11.16 8.16
C SER B 189 25.27 11.47 7.42
N ARG B 190 25.31 11.13 6.14
CA ARG B 190 26.50 11.30 5.31
C ARG B 190 26.60 12.68 4.68
N THR B 191 25.47 13.38 4.56
CA THR B 191 25.42 14.62 3.82
C THR B 191 25.20 15.82 4.70
N THR B 192 24.86 15.62 5.97
CA THR B 192 24.47 16.71 6.82
C THR B 192 25.02 16.44 8.22
N ASP B 193 24.57 17.25 9.17
CA ASP B 193 24.90 16.96 10.56
C ASP B 193 23.96 15.90 11.17
N GLY B 194 22.99 15.37 10.41
CA GLY B 194 22.23 14.19 10.77
C GLY B 194 20.75 14.45 10.98
N VAL B 195 20.04 13.35 11.25
CA VAL B 195 18.61 13.38 11.48
C VAL B 195 18.29 14.04 12.82
N TYR B 196 17.33 14.95 12.79
CA TYR B 196 16.77 15.43 14.03
C TYR B 196 15.60 14.57 14.45
N GLU B 197 14.77 14.16 13.51
CA GLU B 197 13.63 13.29 13.76
C GLU B 197 13.14 12.78 12.42
N GLY B 198 12.73 11.52 12.41
CA GLY B 198 12.16 10.93 11.23
C GLY B 198 10.90 10.15 11.59
N VAL B 199 9.92 10.21 10.70
CA VAL B 199 8.67 9.46 10.87
C VAL B 199 8.39 8.68 9.60
N ALA B 200 8.00 7.40 9.75
CA ALA B 200 7.45 6.63 8.66
C ALA B 200 5.94 6.53 8.87
N ILE B 201 5.17 7.18 7.98
CA ILE B 201 3.73 7.28 8.19
C ILE B 201 3.00 6.02 7.77
N GLY B 202 3.68 5.08 7.13
CA GLY B 202 3.08 3.84 6.70
C GLY B 202 2.56 3.95 5.29
N GLY B 203 2.17 2.81 4.74
CA GLY B 203 1.73 2.73 3.36
C GLY B 203 0.25 2.62 3.13
N ASP B 204 -0.59 2.81 4.15
CA ASP B 204 -2.01 2.63 3.95
C ASP B 204 -2.65 3.87 3.34
N ARG B 205 -3.86 3.67 2.79
CA ARG B 205 -4.55 4.72 2.08
C ARG B 205 -4.84 5.91 2.98
N TYR B 206 -5.21 5.65 4.23
CA TYR B 206 -5.46 6.69 5.24
C TYR B 206 -4.47 6.52 6.38
N PRO B 207 -3.31 7.15 6.30
CA PRO B 207 -2.38 7.09 7.43
C PRO B 207 -2.95 7.81 8.63
N GLY B 208 -2.64 7.31 9.81
CA GLY B 208 -3.09 7.98 11.03
C GLY B 208 -2.66 9.43 11.07
N SER B 209 -1.46 9.71 10.61
CA SER B 209 -0.99 11.07 10.46
C SER B 209 -0.34 11.18 9.10
N THR B 210 -0.48 12.35 8.48
CA THR B 210 -0.05 12.50 7.11
C THR B 210 1.29 13.20 7.00
N PHE B 211 1.77 13.31 5.76
CA PHE B 211 2.98 14.07 5.50
C PHE B 211 2.91 15.44 6.14
N MET B 212 1.83 16.15 5.85
CA MET B 212 1.69 17.53 6.30
C MET B 212 1.53 17.64 7.81
N ASP B 213 0.89 16.68 8.46
CA ASP B 213 0.90 16.68 9.91
C ASP B 213 2.33 16.77 10.47
N HIS B 214 3.26 16.04 9.89
CA HIS B 214 4.59 16.04 10.47
C HIS B 214 5.44 17.18 9.93
N VAL B 215 5.25 17.52 8.64
CA VAL B 215 5.95 18.66 8.07
C VAL B 215 5.67 19.91 8.89
N LEU B 216 4.41 20.13 9.28
CA LEU B 216 4.04 21.25 10.15
C LEU B 216 4.73 21.18 11.51
N ARG B 217 4.73 20.02 12.15
CA ARG B 217 5.51 19.85 13.35
C ARG B 217 6.95 20.29 13.13
N TYR B 218 7.54 19.88 12.00
CA TYR B 218 8.92 20.23 11.74
C TYR B 218 9.11 21.73 11.51
N GLN B 219 8.23 22.37 10.74
CA GLN B 219 8.26 23.82 10.58
C GLN B 219 8.28 24.52 11.92
N ASP B 220 7.54 24.00 12.89
CA ASP B 220 7.39 24.66 14.17
C ASP B 220 8.43 24.24 15.20
N THR B 221 9.42 23.39 14.82
CA THR B 221 10.44 22.92 15.77
C THR B 221 11.75 23.66 15.53
N PRO B 222 12.22 24.48 16.47
CA PRO B 222 13.39 25.35 16.18
C PRO B 222 14.63 24.59 15.78
N GLY B 223 14.84 23.41 16.36
CA GLY B 223 16.03 22.63 16.09
C GLY B 223 16.07 22.06 14.70
N VAL B 224 14.93 22.02 14.02
CA VAL B 224 14.84 21.61 12.62
C VAL B 224 15.14 22.79 11.71
N LYS B 225 16.12 22.62 10.81
CA LYS B 225 16.44 23.65 9.84
C LYS B 225 16.09 23.29 8.40
N MET B 226 15.87 22.01 8.11
CA MET B 226 15.40 21.63 6.78
C MET B 226 14.68 20.29 6.89
N ILE B 227 13.86 20.02 5.87
CA ILE B 227 12.88 18.93 5.91
C ILE B 227 12.99 18.11 4.63
N VAL B 228 13.02 16.78 4.78
CA VAL B 228 13.07 15.85 3.64
C VAL B 228 11.81 14.97 3.64
N VAL B 229 11.20 14.84 2.48
CA VAL B 229 9.97 14.07 2.31
C VAL B 229 10.15 13.04 1.19
N LEU B 230 9.93 11.78 1.50
CA LEU B 230 9.87 10.72 0.50
C LEU B 230 8.42 10.38 0.28
N GLY B 231 7.83 10.97 -0.75
CA GLY B 231 6.47 10.65 -1.12
C GLY B 231 6.38 9.43 -2.00
N GLU B 232 5.15 9.18 -2.45
CA GLU B 232 4.83 8.00 -3.23
C GLU B 232 3.56 8.23 -4.05
N ILE B 233 3.51 7.55 -5.20
CA ILE B 233 2.31 7.52 -6.02
C ILE B 233 1.12 7.12 -5.17
N GLY B 234 -0.02 7.74 -5.45
CA GLY B 234 -1.25 7.36 -4.79
C GLY B 234 -1.71 8.44 -3.83
N GLY B 235 -2.98 8.83 -3.91
CA GLY B 235 -3.51 9.90 -3.08
C GLY B 235 -2.92 11.25 -3.47
N THR B 236 -3.38 12.29 -2.74
CA THR B 236 -3.08 13.69 -3.06
C THR B 236 -2.34 14.42 -1.94
N GLU B 237 -1.92 13.69 -0.91
CA GLU B 237 -1.41 14.32 0.31
C GLU B 237 -0.24 15.27 0.03
N GLU B 238 0.60 14.98 -0.96
CA GLU B 238 1.79 15.80 -1.11
C GLU B 238 1.48 17.22 -1.59
N TYR B 239 0.32 17.42 -2.26
CA TYR B 239 -0.07 18.76 -2.70
C TYR B 239 -0.28 19.71 -1.52
N LYS B 240 -0.58 19.17 -0.34
CA LYS B 240 -0.70 20.04 0.83
C LYS B 240 0.62 20.72 1.18
N ILE B 241 1.75 20.10 0.86
CA ILE B 241 3.04 20.78 1.00
C ILE B 241 3.12 21.97 0.07
N CYS B 242 2.72 21.80 -1.19
CA CYS B 242 2.73 22.94 -2.12
C CYS B 242 1.93 24.10 -1.56
N ARG B 243 0.74 23.82 -1.10
CA ARG B 243 -0.13 24.81 -0.50
C ARG B 243 0.51 25.46 0.73
N GLY B 244 1.14 24.66 1.58
CA GLY B 244 1.73 25.21 2.78
C GLY B 244 2.82 26.21 2.45
N ILE B 245 3.58 25.93 1.41
CA ILE B 245 4.63 26.85 0.98
C ILE B 245 4.01 28.10 0.39
N LYS B 246 3.02 27.92 -0.48
CA LYS B 246 2.37 29.09 -1.08
C LYS B 246 1.79 30.01 0.00
N GLU B 247 1.24 29.43 1.08
CA GLU B 247 0.62 30.25 2.11
C GLU B 247 1.61 30.94 3.02
N GLY B 248 2.90 30.66 2.87
CA GLY B 248 3.86 31.17 3.80
C GLY B 248 3.90 30.47 5.13
N ARG B 249 3.14 29.38 5.28
CA ARG B 249 3.22 28.58 6.50
C ARG B 249 4.52 27.77 6.56
N LEU B 250 4.94 27.22 5.43
CA LEU B 250 6.17 26.44 5.37
C LEU B 250 7.26 27.33 4.80
N THR B 251 8.31 27.56 5.59
CA THR B 251 9.39 28.44 5.20
C THR B 251 10.75 27.79 5.25
N LYS B 252 10.94 26.75 6.05
CA LYS B 252 12.19 26.03 6.00
C LYS B 252 12.31 25.31 4.64
N PRO B 253 13.51 25.18 4.13
CA PRO B 253 13.69 24.41 2.89
C PRO B 253 13.14 23.01 3.03
N ILE B 254 12.46 22.57 1.97
CA ILE B 254 11.88 21.23 1.87
C ILE B 254 12.47 20.55 0.64
N VAL B 255 13.03 19.36 0.82
CA VAL B 255 13.50 18.51 -0.26
C VAL B 255 12.51 17.37 -0.37
N CYS B 256 11.97 17.11 -1.57
CA CYS B 256 10.98 16.04 -1.75
C CYS B 256 11.24 15.26 -3.02
N TRP B 257 11.01 13.95 -2.95
CA TRP B 257 10.98 13.06 -4.10
C TRP B 257 9.82 12.08 -3.93
N CYS B 258 8.99 11.91 -4.97
CA CYS B 258 7.92 10.92 -4.95
C CYS B 258 8.29 9.72 -5.83
N ILE B 259 8.20 8.54 -5.23
CA ILE B 259 8.51 7.28 -5.87
C ILE B 259 7.28 6.75 -6.60
N GLY B 260 7.49 6.09 -7.73
CA GLY B 260 6.42 5.48 -8.49
C GLY B 260 6.30 6.09 -9.87
N THR B 261 7.38 6.72 -10.29
CA THR B 261 7.46 7.24 -11.66
C THR B 261 7.35 6.12 -12.70
N CYS B 262 7.72 4.89 -12.35
CA CYS B 262 7.62 3.84 -13.35
C CYS B 262 6.18 3.59 -13.78
N ALA B 263 5.19 3.95 -12.97
CA ALA B 263 3.81 3.56 -13.24
C ALA B 263 3.24 4.30 -14.44
N THR B 264 3.73 5.53 -14.66
CA THR B 264 3.38 6.30 -15.84
C THR B 264 3.80 5.61 -17.13
N MET B 265 4.70 4.62 -17.05
CA MET B 265 5.20 3.94 -18.24
C MET B 265 4.56 2.58 -18.46
N PHE B 266 3.74 2.10 -17.54
CA PHE B 266 3.13 0.79 -17.67
C PHE B 266 1.83 0.94 -18.46
N SER B 267 1.52 -0.07 -19.28
CA SER B 267 0.31 -0.03 -20.09
C SER B 267 -0.93 -0.36 -19.28
N SER B 268 -0.77 -0.95 -18.11
CA SER B 268 -1.88 -1.34 -17.28
C SER B 268 -1.66 -0.84 -15.86
N GLU B 269 -2.72 -0.89 -15.07
CA GLU B 269 -2.67 -0.42 -13.69
C GLU B 269 -1.98 -1.43 -12.79
N VAL B 270 -1.11 -0.93 -11.90
CA VAL B 270 -0.32 -1.77 -11.00
C VAL B 270 -0.52 -1.27 -9.58
N GLN B 271 -0.94 -2.16 -8.72
CA GLN B 271 -0.97 -1.91 -7.29
C GLN B 271 0.41 -2.27 -6.75
N PHE B 272 1.11 -1.29 -6.17
CA PHE B 272 2.41 -1.56 -5.56
C PHE B 272 2.22 -2.15 -4.15
N GLY B 273 3.35 -2.39 -3.47
CA GLY B 273 3.30 -3.13 -2.21
C GLY B 273 2.54 -2.42 -1.11
N HIS B 274 2.68 -1.10 -1.01
CA HIS B 274 1.90 -0.33 -0.04
C HIS B 274 0.43 -0.32 -0.44
N ALA B 275 -0.45 -0.57 0.54
CA ALA B 275 -1.88 -0.60 0.25
C ALA B 275 -2.35 0.71 -0.42
N GLY B 276 -1.76 1.85 -0.06
CA GLY B 276 -2.14 3.13 -0.64
C GLY B 276 -1.50 3.47 -1.98
N ALA B 277 -0.60 2.61 -2.48
CA ALA B 277 0.25 2.97 -3.62
C ALA B 277 -0.41 2.53 -4.92
N CYS B 278 -1.47 3.26 -5.26
CA CYS B 278 -2.16 3.07 -6.52
C CYS B 278 -2.88 4.36 -6.89
N ALA B 279 -2.55 4.90 -8.05
CA ALA B 279 -3.08 6.18 -8.48
C ALA B 279 -4.48 5.99 -9.09
N ASN B 280 -5.47 6.68 -8.53
CA ASN B 280 -6.85 6.62 -9.01
C ASN B 280 -7.19 7.77 -9.95
N GLN B 281 -6.22 8.64 -10.27
CA GLN B 281 -6.39 9.81 -11.12
C GLN B 281 -5.01 10.29 -11.56
N ALA B 282 -4.98 11.12 -12.61
CA ALA B 282 -3.69 11.58 -13.12
C ALA B 282 -2.91 12.39 -12.08
N SER B 283 -3.60 13.16 -11.24
CA SER B 283 -2.92 14.03 -10.28
C SER B 283 -2.16 13.22 -9.23
N GLU B 284 -2.58 11.98 -8.97
CA GLU B 284 -2.04 11.10 -7.94
C GLU B 284 -0.78 10.36 -8.36
N THR B 285 -0.31 10.52 -9.60
CA THR B 285 0.90 9.85 -10.02
C THR B 285 2.11 10.57 -9.42
N ALA B 286 3.23 9.84 -9.35
CA ALA B 286 4.45 10.41 -8.81
C ALA B 286 5.00 11.47 -9.74
N VAL B 287 4.90 11.25 -11.05
CA VAL B 287 5.37 12.24 -12.01
C VAL B 287 4.64 13.57 -11.81
N ALA B 288 3.32 13.52 -11.59
CA ALA B 288 2.55 14.74 -11.42
C ALA B 288 2.90 15.43 -10.11
N LYS B 289 3.00 14.66 -9.03
CA LYS B 289 3.35 15.27 -7.75
C LYS B 289 4.73 15.87 -7.79
N ASN B 290 5.69 15.16 -8.40
CA ASN B 290 7.06 15.68 -8.43
C ASN B 290 7.11 17.02 -9.17
N GLN B 291 6.41 17.10 -10.30
CA GLN B 291 6.35 18.33 -11.06
C GLN B 291 5.66 19.45 -10.27
N ALA B 292 4.58 19.12 -9.57
CA ALA B 292 3.88 20.17 -8.84
C ALA B 292 4.75 20.73 -7.71
N LEU B 293 5.44 19.84 -6.97
CA LEU B 293 6.29 20.27 -5.87
C LEU B 293 7.43 21.14 -6.35
N LYS B 294 8.06 20.75 -7.45
CA LYS B 294 9.16 21.54 -8.03
C LYS B 294 8.67 22.94 -8.37
N GLU B 295 7.51 23.02 -9.00
CA GLU B 295 6.97 24.30 -9.41
C GLU B 295 6.59 25.15 -8.21
N ALA B 296 6.26 24.50 -7.08
CA ALA B 296 5.88 25.23 -5.89
C ALA B 296 7.08 25.72 -5.07
N GLY B 297 8.32 25.37 -5.42
CA GLY B 297 9.46 25.80 -4.64
C GLY B 297 10.11 24.72 -3.80
N VAL B 298 9.64 23.48 -3.85
CA VAL B 298 10.28 22.37 -3.17
C VAL B 298 11.51 21.97 -3.95
N PHE B 299 12.57 21.61 -3.25
CA PHE B 299 13.77 21.15 -3.92
C PHE B 299 13.56 19.70 -4.33
N VAL B 300 13.40 19.48 -5.63
CA VAL B 300 13.06 18.17 -6.15
C VAL B 300 14.22 17.70 -7.00
N PRO B 301 14.85 16.57 -6.68
CA PRO B 301 15.93 16.09 -7.53
C PRO B 301 15.37 15.45 -8.81
N ARG B 302 16.26 15.30 -9.80
CA ARG B 302 15.88 14.71 -11.09
C ARG B 302 15.32 13.29 -10.92
N SER B 303 15.81 12.55 -9.93
CA SER B 303 15.36 11.19 -9.66
C SER B 303 15.86 10.84 -8.26
N PHE B 304 15.51 9.64 -7.80
CA PHE B 304 15.99 9.20 -6.50
C PHE B 304 17.51 9.30 -6.41
N ASP B 305 18.21 8.98 -7.51
CA ASP B 305 19.67 8.91 -7.55
C ASP B 305 20.35 10.22 -7.15
N GLU B 306 19.66 11.33 -7.25
CA GLU B 306 20.22 12.65 -6.99
C GLU B 306 19.67 13.26 -5.71
N LEU B 307 18.88 12.50 -4.93
CA LEU B 307 18.37 12.98 -3.66
C LEU B 307 19.49 13.36 -2.69
N GLY B 308 20.46 12.47 -2.47
CA GLY B 308 21.57 12.81 -1.62
C GLY B 308 22.25 14.11 -2.00
N GLU B 309 22.45 14.32 -3.30
CA GLU B 309 23.16 15.51 -3.77
C GLU B 309 22.40 16.77 -3.44
N ILE B 310 21.08 16.76 -3.65
CA ILE B 310 20.34 18.00 -3.38
C ILE B 310 20.21 18.25 -1.88
N ILE B 311 20.04 17.19 -1.07
CA ILE B 311 20.05 17.38 0.39
C ILE B 311 21.31 18.11 0.85
N GLN B 312 22.47 17.65 0.38
CA GLN B 312 23.76 18.20 0.80
C GLN B 312 23.91 19.64 0.34
N SER B 313 23.48 19.94 -0.89
CA SER B 313 23.54 21.32 -1.40
C SER B 313 22.66 22.26 -0.59
N VAL B 314 21.43 21.86 -0.30
CA VAL B 314 20.58 22.69 0.57
C VAL B 314 21.22 22.84 1.94
N TYR B 315 21.72 21.74 2.50
CA TYR B 315 22.36 21.80 3.81
C TYR B 315 23.53 22.77 3.81
N GLU B 316 24.44 22.63 2.84
CA GLU B 316 25.61 23.51 2.76
C GLU B 316 25.23 24.98 2.59
N ASP B 317 24.18 25.26 1.81
CA ASP B 317 23.68 26.64 1.69
C ASP B 317 23.18 27.19 3.02
N LEU B 318 22.49 26.35 3.81
CA LEU B 318 22.03 26.81 5.12
C LEU B 318 23.19 27.07 6.08
N VAL B 319 24.22 26.22 6.07
CA VAL B 319 25.42 26.48 6.86
C VAL B 319 26.04 27.80 6.42
N ALA B 320 26.17 28.01 5.11
CA ALA B 320 26.82 29.19 4.58
C ALA B 320 26.15 30.47 5.05
N ASN B 321 24.83 30.46 5.21
CA ASN B 321 24.11 31.64 5.67
C ASN B 321 23.90 31.68 7.18
N GLY B 322 24.57 30.84 7.95
CA GLY B 322 24.44 30.91 9.38
C GLY B 322 23.19 30.30 9.98
N VAL B 323 22.35 29.64 9.19
CA VAL B 323 21.13 29.04 9.72
C VAL B 323 21.42 27.78 10.52
N ILE B 324 22.41 27.01 10.08
CA ILE B 324 22.86 25.82 10.81
C ILE B 324 24.20 26.14 11.42
#